data_5CWW
#
_entry.id   5CWW
#
_cell.length_a   122.300
_cell.length_b   107.960
_cell.length_c   69.590
_cell.angle_alpha   90.00
_cell.angle_beta   108.65
_cell.angle_gamma   90.00
#
_symmetry.space_group_name_H-M   'C 1 2 1'
#
loop_
_entity.id
_entity.type
_entity.pdbx_description
1 polymer 'Nucleoporin NUP145N'
2 polymer 'Nucleoporin NUP82'
3 polymer 'Nucleoporin NUP159'
4 water water
#
loop_
_entity_poly.entity_id
_entity_poly.type
_entity_poly.pdbx_seq_one_letter_code
_entity_poly.pdbx_strand_id
1 'polypeptide(L)'
;GPHMGAYWMSPTADDIRAMNRMQRQRVVGFTVGRENVGSVQFKVPVDLSNINLDDLFGTIVILEPRSATVYPNAAKKPPM
GKGLNVPALISLEHSWPRGGPTIKGRRLERHIERLKSIPDTTFESYDPETGVWAFSVEHF
;
A
2 'polypeptide(L)'
;MPKIKSFAPAWLNEPAPGHKLFAPAADDGTATVPLAYGKKIKPGPRRTIARRGTEIFVACGKQIRWGDLAQLKESWESRP
SRSSVGPTSTKKDSSDFDDGAATAGYRIIKTPVADDIRQLVMSPNQDFLAVLTSHTVHICILPDSSHLHIQDTTPFKPKF
WTLGPTTHVTSRSAVVSAVWHPLGVNGHALVTVTEDAIVRVWELSTADRWTFDAPTLAIDLKKLADATYLDQDFGVSTSA
TNKGFSPDAFDMEVAAACFPTRDSGGWAPMTLWLAMTSGDVYALCPLLPQRWTPPPTLIPSLSASIVAKVAAAEDNPEST
PEERLVAQQQLEWMSEIDNQEPKLVEEATGEATIEVYTRPSRPGLVPKLQGPFDFDLNPEDEQDDEVELKDIYVIGEKPR
VADLMRGEEEELEMMKEDQHNGLSLNIICLLSTSGQVKICLDIDGVEAQWLPPRSKNKRLFAPPPEPPSLLTFQTFDTLK
PAEVTPDGWPMFSEDATSPYSFYVTHPAGITYISLTPWVFRLESELQSDSEAGTEFRIDLLAKGQGSERDRIFTQTRTQS
PLAAATSIDDPDLGYFILSATQTDPIALFFETPER
;
B
3 'polypeptide(L)' LRAREAKRKATLRMLRESLARVGPNVVRLRDD C
#
# COMPACT_ATOMS: atom_id res chain seq x y z
N GLY A 1 -0.96 6.41 -21.37
CA GLY A 1 -0.63 7.81 -21.37
C GLY A 1 -1.54 8.63 -22.27
N PRO A 2 -2.79 8.85 -21.84
CA PRO A 2 -3.76 9.65 -22.58
C PRO A 2 -3.23 11.04 -22.96
N HIS A 3 -3.51 11.47 -24.18
CA HIS A 3 -3.04 12.74 -24.69
C HIS A 3 -3.82 13.91 -24.10
N MET A 4 -3.10 14.89 -23.54
CA MET A 4 -3.72 16.10 -23.01
C MET A 4 -3.74 17.19 -24.08
N GLY A 5 -4.92 17.49 -24.60
CA GLY A 5 -5.07 18.52 -25.61
C GLY A 5 -4.99 19.91 -25.04
N ALA A 6 -5.44 20.90 -25.81
CA ALA A 6 -5.40 22.30 -25.37
C ALA A 6 -6.71 22.67 -24.69
N TYR A 7 -6.64 23.57 -23.71
CA TYR A 7 -7.83 24.10 -23.07
C TYR A 7 -8.65 24.95 -24.04
N TRP A 8 -9.93 25.08 -23.74
CA TRP A 8 -10.81 25.96 -24.51
C TRP A 8 -12.00 26.37 -23.66
N MET A 9 -12.63 27.48 -24.01
CA MET A 9 -13.84 27.93 -23.32
C MET A 9 -14.89 28.41 -24.32
N SER A 10 -16.16 28.31 -23.92
CA SER A 10 -17.28 28.75 -24.73
C SER A 10 -18.31 29.44 -23.85
N PRO A 11 -18.62 30.73 -24.12
CA PRO A 11 -18.06 31.60 -25.16
C PRO A 11 -16.56 31.78 -25.01
N THR A 12 -15.88 32.14 -26.10
CA THR A 12 -14.44 32.31 -26.09
C THR A 12 -14.06 33.48 -25.20
N ALA A 13 -12.78 33.58 -24.85
CA ALA A 13 -12.30 34.68 -24.03
C ALA A 13 -12.51 36.00 -24.77
N ASP A 14 -12.27 35.99 -26.07
CA ASP A 14 -12.49 37.17 -26.90
C ASP A 14 -13.95 37.64 -26.83
N ASP A 15 -14.88 36.69 -26.95
CA ASP A 15 -16.30 37.01 -26.90
C ASP A 15 -16.67 37.61 -25.55
N ILE A 16 -16.09 37.08 -24.48
CA ILE A 16 -16.40 37.54 -23.13
C ILE A 16 -15.77 38.91 -22.90
N ARG A 17 -14.58 39.14 -23.45
CA ARG A 17 -13.94 40.45 -23.36
C ARG A 17 -14.80 41.51 -24.04
N ALA A 18 -15.55 41.09 -25.06
CA ALA A 18 -16.38 42.02 -25.84
C ALA A 18 -17.72 42.30 -25.17
N MET A 19 -17.98 41.63 -24.05
CA MET A 19 -19.22 41.84 -23.31
C MET A 19 -19.12 43.06 -22.41
N ASN A 20 -20.23 43.79 -22.28
CA ASN A 20 -20.28 44.94 -21.39
C ASN A 20 -20.34 44.50 -19.94
N ARG A 21 -20.41 45.47 -19.04
CA ARG A 21 -20.39 45.19 -17.60
C ARG A 21 -21.61 44.39 -17.15
N MET A 22 -22.74 44.60 -17.83
CA MET A 22 -23.95 43.87 -17.52
C MET A 22 -23.84 42.42 -17.97
N GLN A 23 -23.44 42.23 -19.23
CA GLN A 23 -23.44 40.92 -19.86
C GLN A 23 -22.42 39.98 -19.23
N ARG A 24 -21.28 40.51 -18.81
CA ARG A 24 -20.20 39.68 -18.29
C ARG A 24 -20.52 39.19 -16.87
N GLN A 25 -21.56 39.74 -16.26
CA GLN A 25 -22.01 39.30 -14.95
C GLN A 25 -22.99 38.14 -15.04
N ARG A 26 -23.40 37.80 -16.26
CA ARG A 26 -24.40 36.75 -16.47
C ARG A 26 -24.12 35.96 -17.74
N VAL A 27 -22.90 35.45 -17.88
CA VAL A 27 -22.53 34.65 -19.03
C VAL A 27 -23.27 33.32 -18.99
N VAL A 28 -24.14 33.11 -19.98
CA VAL A 28 -24.96 31.90 -20.04
C VAL A 28 -24.25 30.79 -20.82
N GLY A 29 -24.46 29.56 -20.40
CA GLY A 29 -23.89 28.41 -21.06
C GLY A 29 -22.38 28.46 -21.09
N PHE A 30 -21.78 29.00 -20.03
CA PHE A 30 -20.33 29.06 -19.93
C PHE A 30 -19.78 27.65 -19.79
N THR A 31 -18.76 27.35 -20.58
CA THR A 31 -18.18 26.02 -20.63
C THR A 31 -16.67 26.11 -20.71
N VAL A 32 -16.00 25.30 -19.90
CA VAL A 32 -14.55 25.16 -19.95
C VAL A 32 -14.21 23.70 -20.22
N GLY A 33 -13.34 23.48 -21.20
CA GLY A 33 -13.00 22.14 -21.61
C GLY A 33 -11.54 22.00 -21.98
N ARG A 34 -11.14 20.76 -22.25
CA ARG A 34 -9.80 20.44 -22.69
C ARG A 34 -9.88 19.20 -23.57
N GLU A 35 -9.42 19.33 -24.81
CA GLU A 35 -9.60 18.27 -25.80
C GLU A 35 -8.97 16.96 -25.34
N ASN A 36 -9.72 15.88 -25.50
CA ASN A 36 -9.29 14.54 -25.12
C ASN A 36 -9.19 14.36 -23.61
N VAL A 37 -9.88 15.21 -22.86
CA VAL A 37 -9.90 15.14 -21.41
C VAL A 37 -11.33 15.23 -20.89
N GLY A 38 -12.01 16.33 -21.20
CA GLY A 38 -13.37 16.53 -20.72
C GLY A 38 -13.79 17.98 -20.74
N SER A 39 -14.86 18.29 -20.00
CA SER A 39 -15.38 19.64 -19.96
C SER A 39 -16.30 19.89 -18.76
N VAL A 40 -16.40 21.16 -18.38
CA VAL A 40 -17.29 21.59 -17.30
C VAL A 40 -18.30 22.60 -17.83
N GLN A 41 -19.56 22.18 -17.92
CA GLN A 41 -20.64 23.06 -18.37
C GLN A 41 -21.44 23.59 -17.17
N PHE A 42 -21.27 24.87 -16.87
CA PHE A 42 -22.00 25.49 -15.78
C PHE A 42 -23.46 25.68 -16.19
N LYS A 43 -24.37 25.31 -15.29
CA LYS A 43 -25.78 25.18 -15.63
C LYS A 43 -26.59 26.43 -15.27
N VAL A 44 -25.89 27.50 -14.91
CA VAL A 44 -26.53 28.78 -14.65
C VAL A 44 -25.68 29.92 -15.19
N PRO A 45 -26.27 31.11 -15.35
CA PRO A 45 -25.44 32.27 -15.69
C PRO A 45 -24.38 32.51 -14.64
N VAL A 46 -23.14 32.71 -15.07
CA VAL A 46 -22.02 32.93 -14.16
C VAL A 46 -21.48 34.35 -14.25
N ASP A 47 -20.94 34.82 -13.14
CA ASP A 47 -20.35 36.15 -13.04
C ASP A 47 -18.84 36.06 -13.27
N LEU A 48 -18.40 36.46 -14.46
CA LEU A 48 -16.98 36.40 -14.82
C LEU A 48 -16.32 37.77 -14.75
N SER A 49 -16.99 38.71 -14.12
CA SER A 49 -16.51 40.10 -14.07
C SER A 49 -15.32 40.26 -13.12
N ASN A 50 -15.09 39.28 -12.27
CA ASN A 50 -13.96 39.29 -11.34
C ASN A 50 -12.98 38.15 -11.60
N ILE A 51 -13.08 37.55 -12.77
CA ILE A 51 -12.25 36.39 -13.11
C ILE A 51 -11.36 36.70 -14.31
N ASN A 52 -10.05 36.55 -14.11
CA ASN A 52 -9.09 36.74 -15.18
C ASN A 52 -9.17 35.61 -16.20
N LEU A 53 -9.59 35.94 -17.40
CA LEU A 53 -9.72 34.94 -18.47
C LEU A 53 -8.37 34.40 -18.91
N ASP A 54 -7.31 35.15 -18.62
CA ASP A 54 -5.96 34.75 -19.01
C ASP A 54 -5.31 33.86 -17.96
N ASP A 55 -6.01 33.67 -16.84
CA ASP A 55 -5.51 32.86 -15.74
C ASP A 55 -6.64 31.97 -15.23
N LEU A 56 -7.30 31.29 -16.17
CA LEU A 56 -8.45 30.45 -15.87
C LEU A 56 -8.08 28.98 -16.04
N PHE A 57 -7.45 28.67 -17.17
CA PHE A 57 -6.99 27.32 -17.45
C PHE A 57 -5.86 26.91 -16.50
N GLY A 58 -6.10 25.86 -15.73
CA GLY A 58 -5.05 25.33 -14.86
C GLY A 58 -4.95 26.00 -13.51
N THR A 59 -5.60 27.16 -13.37
CA THR A 59 -5.56 27.92 -12.13
C THR A 59 -6.86 27.79 -11.36
N ILE A 60 -7.97 28.09 -12.03
CA ILE A 60 -9.29 27.97 -11.42
C ILE A 60 -9.96 26.66 -11.85
N VAL A 61 -9.87 26.36 -13.14
CA VAL A 61 -10.41 25.11 -13.67
C VAL A 61 -9.24 24.24 -14.13
N ILE A 62 -9.09 23.08 -13.48
CA ILE A 62 -8.04 22.15 -13.82
C ILE A 62 -8.66 20.88 -14.41
N LEU A 63 -8.34 20.62 -15.67
CA LEU A 63 -8.79 19.43 -16.36
C LEU A 63 -7.59 18.56 -16.71
N GLU A 64 -7.51 17.42 -16.04
CA GLU A 64 -6.47 16.43 -16.30
CA GLU A 64 -6.47 16.43 -16.30
C GLU A 64 -7.14 15.09 -16.61
N PRO A 65 -6.38 14.14 -17.17
CA PRO A 65 -6.98 12.84 -17.47
C PRO A 65 -7.73 12.24 -16.28
N ARG A 66 -9.02 12.00 -16.48
CA ARG A 66 -9.89 11.43 -15.45
C ARG A 66 -10.01 12.33 -14.21
N SER A 67 -9.82 13.64 -14.38
CA SER A 67 -9.89 14.55 -13.24
C SER A 67 -10.36 15.95 -13.61
N ALA A 68 -11.42 16.40 -12.92
CA ALA A 68 -11.91 17.76 -13.05
C ALA A 68 -11.94 18.43 -11.68
N THR A 69 -11.28 19.58 -11.58
CA THR A 69 -11.25 20.36 -10.35
C THR A 69 -11.52 21.84 -10.62
N VAL A 70 -12.49 22.40 -9.90
CA VAL A 70 -12.76 23.84 -9.95
C VAL A 70 -12.48 24.45 -8.58
N TYR A 71 -11.69 25.53 -8.58
CA TYR A 71 -11.16 26.13 -7.36
C TYR A 71 -10.40 25.08 -6.54
N PRO A 72 -9.18 24.73 -6.99
CA PRO A 72 -8.38 23.69 -6.34
C PRO A 72 -7.90 24.11 -4.95
N ASN A 73 -7.69 25.41 -4.76
CA ASN A 73 -7.35 25.95 -3.45
C ASN A 73 -8.62 26.24 -2.66
N ALA A 74 -8.86 25.46 -1.61
CA ALA A 74 -10.10 25.57 -0.84
C ALA A 74 -10.20 26.93 -0.15
N ALA A 75 -9.06 27.50 0.21
CA ALA A 75 -9.04 28.77 0.92
C ALA A 75 -9.48 29.93 0.04
N LYS A 76 -9.16 29.84 -1.25
CA LYS A 76 -9.48 30.91 -2.20
C LYS A 76 -10.72 30.59 -3.03
N LYS A 77 -11.55 29.68 -2.52
CA LYS A 77 -12.79 29.32 -3.20
C LYS A 77 -13.92 30.26 -2.80
N PRO A 78 -14.63 30.85 -3.78
CA PRO A 78 -15.72 31.77 -3.41
C PRO A 78 -16.88 31.07 -2.69
N PRO A 79 -17.76 31.84 -2.03
CA PRO A 79 -18.95 31.26 -1.41
C PRO A 79 -19.81 30.51 -2.42
N MET A 80 -20.65 29.61 -1.94
CA MET A 80 -21.53 28.84 -2.81
C MET A 80 -22.51 29.78 -3.50
N GLY A 81 -22.45 29.80 -4.83
CA GLY A 81 -23.33 30.63 -5.63
C GLY A 81 -22.62 31.78 -6.32
N LYS A 82 -21.40 32.08 -5.87
CA LYS A 82 -20.59 33.15 -6.45
C LYS A 82 -19.49 32.59 -7.33
N GLY A 83 -19.10 33.37 -8.34
CA GLY A 83 -18.05 32.95 -9.26
C GLY A 83 -18.44 31.70 -10.01
N LEU A 84 -17.52 30.74 -10.09
CA LEU A 84 -17.78 29.47 -10.75
C LEU A 84 -18.18 28.40 -9.74
N ASN A 85 -18.43 28.80 -8.50
CA ASN A 85 -18.88 27.87 -7.47
C ASN A 85 -20.38 27.65 -7.56
N VAL A 86 -20.81 27.11 -8.71
CA VAL A 86 -22.21 26.94 -9.02
C VAL A 86 -22.46 25.55 -9.60
N PRO A 87 -23.74 25.15 -9.74
CA PRO A 87 -24.04 23.85 -10.35
C PRO A 87 -23.42 23.69 -11.73
N ALA A 88 -22.95 22.50 -12.07
CA ALA A 88 -22.27 22.26 -13.34
C ALA A 88 -22.47 20.84 -13.84
N LEU A 89 -22.34 20.68 -15.15
CA LEU A 89 -22.39 19.37 -15.80
C LEU A 89 -20.98 19.00 -16.27
N ILE A 90 -20.40 17.98 -15.63
CA ILE A 90 -19.04 17.58 -15.91
C ILE A 90 -19.00 16.30 -16.72
N SER A 91 -18.16 16.30 -17.76
CA SER A 91 -17.94 15.12 -18.59
C SER A 91 -16.47 14.75 -18.59
N LEU A 92 -16.17 13.51 -18.23
CA LEU A 92 -14.79 13.02 -18.20
C LEU A 92 -14.59 11.85 -19.13
N GLU A 93 -13.70 12.02 -20.10
CA GLU A 93 -13.31 10.94 -20.99
C GLU A 93 -12.38 9.98 -20.26
N HIS A 94 -12.21 8.78 -20.83
CA HIS A 94 -11.31 7.77 -20.27
C HIS A 94 -11.72 7.32 -18.86
N SER A 95 -13.01 7.41 -18.55
CA SER A 95 -13.50 7.07 -17.21
C SER A 95 -13.98 5.62 -17.12
N TRP A 96 -13.30 4.72 -17.83
CA TRP A 96 -13.59 3.29 -17.76
C TRP A 96 -12.87 2.67 -16.57
N PRO A 97 -13.20 1.40 -16.25
CA PRO A 97 -12.44 0.72 -15.19
C PRO A 97 -10.95 0.72 -15.47
N ARG A 98 -10.14 0.80 -14.42
CA ARG A 98 -8.70 0.85 -14.59
C ARG A 98 -8.17 -0.41 -15.29
N GLY A 99 -8.96 -1.47 -15.29
CA GLY A 99 -8.62 -2.67 -16.03
C GLY A 99 -8.54 -2.40 -17.53
N GLY A 100 -9.26 -1.38 -17.99
CA GLY A 100 -9.20 -0.95 -19.37
C GLY A 100 -10.55 -0.91 -20.05
N PRO A 101 -10.59 -0.44 -21.30
CA PRO A 101 -11.83 -0.41 -22.08
C PRO A 101 -12.42 -1.81 -22.31
N THR A 102 -11.54 -2.81 -22.40
CA THR A 102 -11.96 -4.18 -22.63
C THR A 102 -12.34 -4.86 -21.32
N ILE A 103 -13.29 -4.26 -20.60
CA ILE A 103 -13.82 -4.83 -19.38
C ILE A 103 -15.33 -4.92 -19.52
N LYS A 104 -15.85 -6.15 -19.42
CA LYS A 104 -17.29 -6.39 -19.54
C LYS A 104 -17.77 -7.31 -18.42
N GLY A 105 -19.02 -7.74 -18.50
CA GLY A 105 -19.58 -8.64 -17.52
C GLY A 105 -19.85 -7.93 -16.20
N ARG A 106 -19.70 -8.65 -15.10
CA ARG A 106 -20.00 -8.09 -13.78
C ARG A 106 -19.06 -6.93 -13.44
N ARG A 107 -17.82 -7.00 -13.92
CA ARG A 107 -16.82 -6.00 -13.61
C ARG A 107 -17.22 -4.62 -14.15
N LEU A 108 -17.84 -4.61 -15.33
CA LEU A 108 -18.24 -3.35 -15.97
C LEU A 108 -19.46 -2.75 -15.28
N GLU A 109 -20.43 -3.58 -14.92
CA GLU A 109 -21.63 -3.06 -14.26
C GLU A 109 -21.31 -2.67 -12.83
N ARG A 110 -20.31 -3.32 -12.24
CA ARG A 110 -19.84 -2.94 -10.91
C ARG A 110 -19.26 -1.52 -10.98
N HIS A 111 -18.54 -1.24 -12.07
CA HIS A 111 -17.93 0.06 -12.27
C HIS A 111 -18.98 1.17 -12.38
N ILE A 112 -20.06 0.88 -13.10
CA ILE A 112 -21.15 1.84 -13.25
C ILE A 112 -21.83 2.09 -11.91
N GLU A 113 -21.91 1.06 -11.07
CA GLU A 113 -22.46 1.19 -9.74
C GLU A 113 -21.62 2.15 -8.90
N ARG A 114 -20.30 2.06 -9.06
CA ARG A 114 -19.38 2.86 -8.28
C ARG A 114 -19.39 4.32 -8.73
N LEU A 115 -19.60 4.55 -10.02
CA LEU A 115 -19.71 5.90 -10.55
C LEU A 115 -20.93 6.62 -9.97
N LYS A 116 -22.04 5.89 -9.87
CA LYS A 116 -23.27 6.45 -9.31
C LYS A 116 -23.13 6.78 -7.84
N SER A 117 -22.22 6.11 -7.15
CA SER A 117 -22.10 6.24 -5.69
C SER A 117 -21.07 7.28 -5.28
N ILE A 118 -20.40 7.91 -6.24
CA ILE A 118 -19.43 8.95 -5.91
C ILE A 118 -20.17 10.12 -5.25
N PRO A 119 -19.76 10.50 -4.03
CA PRO A 119 -20.50 11.52 -3.28
C PRO A 119 -20.46 12.90 -3.92
N ASP A 120 -21.50 13.69 -3.67
CA ASP A 120 -21.62 15.05 -4.19
C ASP A 120 -21.65 15.09 -5.72
N THR A 121 -22.08 13.99 -6.32
CA THR A 121 -22.31 13.95 -7.76
C THR A 121 -23.65 13.30 -8.06
N THR A 122 -24.26 13.73 -9.16
CA THR A 122 -25.49 13.13 -9.65
C THR A 122 -25.21 12.50 -11.00
N PHE A 123 -25.19 11.17 -11.04
CA PHE A 123 -24.87 10.43 -12.25
C PHE A 123 -25.82 10.80 -13.38
N GLU A 124 -25.24 11.13 -14.53
CA GLU A 124 -26.01 11.43 -15.73
C GLU A 124 -25.94 10.27 -16.71
N SER A 125 -24.72 9.86 -17.04
CA SER A 125 -24.53 8.75 -17.97
C SER A 125 -23.12 8.20 -17.98
N TYR A 126 -22.99 6.95 -18.44
CA TYR A 126 -21.71 6.37 -18.79
C TYR A 126 -21.88 5.49 -20.02
N ASP A 127 -21.10 5.77 -21.06
CA ASP A 127 -21.17 5.02 -22.31
C ASP A 127 -19.89 4.20 -22.51
N PRO A 128 -20.01 2.85 -22.49
CA PRO A 128 -18.79 2.03 -22.64
C PRO A 128 -18.08 2.19 -23.98
N GLU A 129 -18.82 2.53 -25.03
CA GLU A 129 -18.23 2.62 -26.36
C GLU A 129 -17.36 3.87 -26.51
N THR A 130 -17.49 4.81 -25.58
CA THR A 130 -16.70 6.04 -25.59
C THR A 130 -15.86 6.20 -24.33
N GLY A 131 -16.38 5.69 -23.22
CA GLY A 131 -15.68 5.78 -21.94
C GLY A 131 -15.92 7.10 -21.24
N VAL A 132 -16.95 7.82 -21.67
CA VAL A 132 -17.26 9.13 -21.12
C VAL A 132 -18.19 9.02 -19.91
N TRP A 133 -17.73 9.53 -18.77
CA TRP A 133 -18.55 9.63 -17.58
C TRP A 133 -19.11 11.04 -17.45
N ALA A 134 -20.44 11.16 -17.45
CA ALA A 134 -21.11 12.44 -17.30
C ALA A 134 -21.87 12.47 -15.97
N PHE A 135 -21.76 13.59 -15.28
CA PHE A 135 -22.38 13.73 -13.96
C PHE A 135 -22.54 15.21 -13.59
N SER A 136 -23.49 15.48 -12.70
CA SER A 136 -23.77 16.84 -12.27
C SER A 136 -23.33 17.08 -10.84
N VAL A 137 -22.91 18.30 -10.56
CA VAL A 137 -22.57 18.74 -9.21
C VAL A 137 -23.36 20.02 -8.91
N GLU A 138 -23.57 20.29 -7.62
CA GLU A 138 -24.32 21.48 -7.21
C GLU A 138 -23.37 22.62 -6.85
N HIS A 139 -22.15 22.25 -6.48
CA HIS A 139 -21.13 23.22 -6.12
C HIS A 139 -19.77 22.53 -6.16
N PHE A 140 -18.72 23.24 -5.74
CA PHE A 140 -17.38 22.68 -5.69
C PHE A 140 -16.76 22.88 -4.30
N LYS B 3 -12.84 -19.50 37.92
CA LYS B 3 -11.93 -19.82 36.83
C LYS B 3 -12.64 -19.75 35.48
N ILE B 4 -12.96 -18.52 35.06
CA ILE B 4 -13.63 -18.31 33.77
C ILE B 4 -12.71 -18.72 32.61
N LYS B 5 -13.30 -19.31 31.59
CA LYS B 5 -12.55 -19.74 30.42
C LYS B 5 -12.05 -18.54 29.63
N SER B 6 -10.81 -18.12 29.91
CA SER B 6 -10.17 -17.03 29.19
C SER B 6 -9.23 -17.58 28.14
N PHE B 7 -8.75 -16.71 27.26
CA PHE B 7 -7.85 -17.11 26.17
C PHE B 7 -6.46 -16.51 26.36
N ALA B 8 -5.99 -16.54 27.60
CA ALA B 8 -4.65 -16.03 27.93
C ALA B 8 -4.22 -16.63 29.27
N PRO B 9 -2.90 -16.67 29.52
CA PRO B 9 -2.43 -17.22 30.80
C PRO B 9 -2.84 -16.35 31.99
N ALA B 10 -2.69 -16.89 33.19
CA ALA B 10 -3.16 -16.21 34.40
C ALA B 10 -2.44 -14.88 34.62
N TRP B 11 -1.19 -14.79 34.17
CA TRP B 11 -0.39 -13.58 34.41
C TRP B 11 -0.71 -12.47 33.41
N LEU B 12 -1.76 -12.67 32.60
CA LEU B 12 -2.27 -11.64 31.71
C LEU B 12 -3.75 -11.39 31.98
N ASN B 13 -4.32 -12.13 32.94
CA ASN B 13 -5.70 -11.94 33.33
C ASN B 13 -5.81 -11.30 34.71
N GLU B 14 -6.88 -10.53 34.92
CA GLU B 14 -7.13 -9.87 36.19
C GLU B 14 -7.14 -10.89 37.33
N PRO B 15 -6.62 -10.52 38.51
CA PRO B 15 -6.05 -9.23 38.92
C PRO B 15 -4.54 -9.12 38.71
N ALA B 16 -4.00 -9.86 37.74
CA ALA B 16 -2.56 -9.77 37.45
C ALA B 16 -2.23 -8.40 36.89
N PRO B 17 -0.99 -7.92 37.13
CA PRO B 17 -0.59 -6.60 36.65
C PRO B 17 -0.53 -6.52 35.12
N GLY B 18 -0.27 -7.65 34.49
CA GLY B 18 -0.18 -7.69 33.03
C GLY B 18 -1.49 -7.37 32.35
N HIS B 19 -2.59 -7.60 33.05
CA HIS B 19 -3.92 -7.37 32.48
C HIS B 19 -4.20 -5.88 32.31
N LYS B 20 -3.45 -5.05 33.01
CA LYS B 20 -3.63 -3.61 32.94
C LYS B 20 -3.33 -3.08 31.53
N LEU B 21 -2.52 -3.83 30.79
CA LEU B 21 -2.17 -3.45 29.43
C LEU B 21 -3.39 -3.46 28.50
N PHE B 22 -4.41 -4.21 28.87
CA PHE B 22 -5.55 -4.46 27.98
C PHE B 22 -6.87 -3.91 28.53
N ALA B 23 -7.02 -3.93 29.85
CA ALA B 23 -8.27 -3.49 30.48
C ALA B 23 -8.46 -1.99 30.34
N PRO B 24 -9.71 -1.52 30.22
CA PRO B 24 -9.95 -0.09 30.09
C PRO B 24 -10.09 0.61 31.44
N LYS B 42 -16.11 1.61 14.45
CA LYS B 42 -15.70 2.57 13.43
C LYS B 42 -14.85 1.87 12.36
N PRO B 43 -15.30 1.89 11.09
CA PRO B 43 -14.64 1.08 10.06
C PRO B 43 -13.18 1.45 9.82
N GLY B 44 -12.31 0.45 9.78
CA GLY B 44 -10.90 0.64 9.53
C GLY B 44 -10.07 -0.45 10.19
N PRO B 45 -8.78 -0.55 9.82
CA PRO B 45 -7.89 -1.54 10.41
C PRO B 45 -7.56 -1.23 11.86
N ARG B 46 -7.15 -2.25 12.61
CA ARG B 46 -6.79 -2.09 14.02
C ARG B 46 -5.48 -2.81 14.33
N ARG B 47 -4.37 -2.13 14.05
CA ARG B 47 -3.04 -2.63 14.41
C ARG B 47 -2.60 -2.00 15.71
N THR B 48 -3.35 -2.27 16.77
CA THR B 48 -3.18 -1.58 18.04
C THR B 48 -2.13 -2.22 18.95
N ILE B 49 -1.45 -3.24 18.45
CA ILE B 49 -0.37 -3.89 19.20
C ILE B 49 0.91 -3.92 18.38
N ALA B 50 2.00 -3.48 19.00
CA ALA B 50 3.33 -3.54 18.39
C ALA B 50 4.31 -4.08 19.43
N ARG B 51 5.48 -4.53 18.99
CA ARG B 51 6.43 -5.18 19.89
C ARG B 51 7.88 -4.98 19.51
N ARG B 52 8.74 -5.18 20.51
CA ARG B 52 10.17 -5.31 20.30
C ARG B 52 10.69 -6.27 21.37
N GLY B 53 11.30 -7.36 20.94
CA GLY B 53 11.68 -8.42 21.87
C GLY B 53 10.46 -8.87 22.65
N THR B 54 10.55 -8.82 23.97
CA THR B 54 9.44 -9.22 24.84
C THR B 54 8.59 -8.03 25.28
N GLU B 55 8.96 -6.83 24.84
CA GLU B 55 8.17 -5.63 25.12
C GLU B 55 7.03 -5.49 24.11
N ILE B 56 5.90 -4.98 24.57
CA ILE B 56 4.78 -4.69 23.68
C ILE B 56 4.19 -3.32 23.97
N PHE B 57 3.58 -2.74 22.94
CA PHE B 57 2.94 -1.43 23.04
C PHE B 57 1.48 -1.58 22.61
N VAL B 58 0.56 -1.27 23.52
CA VAL B 58 -0.85 -1.51 23.30
C VAL B 58 -1.64 -0.22 23.29
N ALA B 59 -2.15 0.14 22.12
CA ALA B 59 -2.95 1.35 21.97
C ALA B 59 -4.35 1.14 22.55
N CYS B 60 -4.73 2.02 23.47
CA CYS B 60 -6.07 2.01 24.05
C CYS B 60 -6.61 3.42 24.08
N GLY B 61 -7.32 3.80 23.02
CA GLY B 61 -7.83 5.16 22.90
C GLY B 61 -6.72 6.10 22.49
N LYS B 62 -6.46 7.11 23.33
CA LYS B 62 -5.45 8.12 23.03
C LYS B 62 -4.15 7.89 23.78
N GLN B 63 -3.97 6.71 24.34
CA GLN B 63 -2.76 6.37 25.09
C GLN B 63 -2.19 5.02 24.67
N ILE B 64 -0.89 4.85 24.88
CA ILE B 64 -0.21 3.59 24.59
C ILE B 64 0.29 2.97 25.89
N ARG B 65 -0.15 1.74 26.16
CA ARG B 65 0.26 1.05 27.38
C ARG B 65 1.47 0.17 27.09
N TRP B 66 2.56 0.48 27.80
CA TRP B 66 3.86 -0.14 27.57
C TRP B 66 4.17 -1.17 28.66
N GLY B 67 4.63 -2.35 28.26
CA GLY B 67 4.97 -3.39 29.21
C GLY B 67 5.87 -4.48 28.68
N ASP B 68 6.67 -5.06 29.59
CA ASP B 68 7.53 -6.20 29.27
C ASP B 68 6.86 -7.49 29.75
N LEU B 69 6.59 -8.39 28.82
CA LEU B 69 5.88 -9.63 29.13
C LEU B 69 6.70 -10.52 30.05
N ALA B 70 8.02 -10.44 29.97
CA ALA B 70 8.90 -11.24 30.81
C ALA B 70 8.74 -10.87 32.28
N GLN B 71 8.84 -9.57 32.56
CA GLN B 71 8.75 -9.08 33.94
C GLN B 71 7.35 -9.28 34.50
N LEU B 72 6.33 -9.00 33.68
CA LEU B 72 4.95 -9.16 34.11
C LEU B 72 4.63 -10.63 34.42
N LYS B 73 5.28 -11.54 33.70
CA LYS B 73 5.15 -12.96 33.99
C LYS B 73 5.78 -13.27 35.33
N GLU B 74 7.01 -12.82 35.51
CA GLU B 74 7.77 -13.08 36.74
C GLU B 74 7.09 -12.48 37.96
N SER B 75 6.47 -11.31 37.79
CA SER B 75 5.80 -10.64 38.89
C SER B 75 4.63 -11.46 39.41
N TRP B 76 3.97 -12.18 38.52
CA TRP B 76 2.84 -13.02 38.89
C TRP B 76 3.29 -14.39 39.38
N GLU B 77 4.52 -14.76 39.05
CA GLU B 77 5.08 -16.03 39.49
C GLU B 77 5.76 -15.89 40.85
N SER B 78 6.29 -14.70 41.12
CA SER B 78 6.99 -14.43 42.38
C SER B 78 6.19 -13.46 43.25
N ARG B 79 4.87 -13.55 43.17
CA ARG B 79 3.98 -12.73 44.01
C ARG B 79 3.87 -13.33 45.41
N PRO B 80 3.74 -12.47 46.43
CA PRO B 80 3.47 -12.98 47.78
C PRO B 80 2.03 -13.43 47.96
N SER B 81 1.71 -14.02 49.12
CA SER B 81 0.37 -14.48 49.43
C SER B 81 -0.12 -13.93 50.76
N ASP B 98 -1.44 8.30 37.65
CA ASP B 98 -0.83 6.99 37.77
C ASP B 98 -0.21 6.54 36.44
N ASP B 99 1.11 6.64 36.33
CA ASP B 99 1.82 6.26 35.12
C ASP B 99 2.22 4.79 35.14
N GLY B 100 1.92 4.11 36.25
CA GLY B 100 2.31 2.73 36.43
C GLY B 100 3.73 2.60 36.95
N ALA B 101 4.28 3.70 37.47
CA ALA B 101 5.63 3.71 38.01
C ALA B 101 5.74 2.81 39.23
N ALA B 102 4.61 2.51 39.86
CA ALA B 102 4.58 1.63 41.03
C ALA B 102 4.54 0.16 40.61
N THR B 103 4.18 -0.09 39.35
CA THR B 103 4.08 -1.45 38.84
C THR B 103 5.29 -1.78 37.98
N ALA B 104 6.01 -2.84 38.35
CA ALA B 104 7.18 -3.28 37.61
C ALA B 104 6.79 -3.84 36.25
N GLY B 105 7.52 -3.42 35.21
CA GLY B 105 7.29 -3.92 33.87
C GLY B 105 6.03 -3.36 33.23
N TYR B 106 5.53 -2.25 33.76
CA TYR B 106 4.34 -1.61 33.22
C TYR B 106 4.44 -0.09 33.31
N ARG B 107 4.15 0.58 32.21
CA ARG B 107 4.18 2.04 32.15
C ARG B 107 3.11 2.55 31.19
N ILE B 108 2.61 3.75 31.46
CA ILE B 108 1.62 4.39 30.60
C ILE B 108 2.32 5.42 29.72
N ILE B 109 1.93 5.46 28.44
CA ILE B 109 2.44 6.46 27.51
C ILE B 109 1.30 7.32 27.01
N LYS B 110 1.14 8.50 27.61
CA LYS B 110 0.17 9.46 27.12
C LYS B 110 0.67 10.05 25.81
N THR B 111 -0.25 10.26 24.87
CA THR B 111 0.10 10.74 23.54
C THR B 111 -0.64 12.04 23.24
N PRO B 112 -0.16 12.79 22.22
CA PRO B 112 -0.83 14.03 21.83
C PRO B 112 -1.89 13.86 20.76
N VAL B 113 -2.29 12.63 20.45
CA VAL B 113 -3.28 12.40 19.41
C VAL B 113 -4.63 12.99 19.80
N ALA B 114 -5.44 13.31 18.80
CA ALA B 114 -6.76 13.91 19.02
C ALA B 114 -7.89 12.93 18.73
N ASP B 115 -7.53 11.70 18.36
CA ASP B 115 -8.52 10.67 18.09
C ASP B 115 -7.94 9.30 18.42
N ASP B 116 -8.80 8.29 18.49
CA ASP B 116 -8.38 6.94 18.85
C ASP B 116 -7.29 6.43 17.91
N ILE B 117 -6.25 5.85 18.50
CA ILE B 117 -5.17 5.28 17.72
C ILE B 117 -5.68 4.08 16.92
N ARG B 118 -5.23 3.99 15.66
CA ARG B 118 -5.67 2.93 14.76
C ARG B 118 -4.55 1.94 14.49
N GLN B 119 -3.33 2.45 14.37
CA GLN B 119 -2.19 1.62 14.02
C GLN B 119 -0.91 2.00 14.75
N LEU B 120 -0.15 0.99 15.16
CA LEU B 120 1.19 1.17 15.68
C LEU B 120 2.15 0.38 14.79
N VAL B 121 3.18 1.05 14.27
CA VAL B 121 4.15 0.38 13.40
C VAL B 121 5.56 0.57 13.91
N MET B 122 6.16 -0.51 14.40
CA MET B 122 7.52 -0.50 14.91
C MET B 122 8.51 -0.33 13.77
N SER B 123 9.57 0.45 14.02
CA SER B 123 10.60 0.65 13.02
C SER B 123 11.56 -0.54 13.03
N PRO B 124 12.38 -0.69 11.98
CA PRO B 124 13.28 -1.85 11.85
C PRO B 124 14.21 -2.06 13.04
N ASN B 125 14.86 -1.00 13.49
CA ASN B 125 15.79 -1.08 14.62
C ASN B 125 15.07 -0.85 15.96
N GLN B 126 13.76 -0.71 15.90
CA GLN B 126 12.90 -0.71 17.08
C GLN B 126 13.21 0.44 18.03
N ASP B 127 13.59 1.59 17.47
CA ASP B 127 13.83 2.80 18.25
C ASP B 127 12.73 3.84 18.00
N PHE B 128 12.11 3.78 16.83
CA PHE B 128 10.99 4.67 16.49
C PHE B 128 9.69 3.88 16.38
N LEU B 129 8.59 4.52 16.78
CA LEU B 129 7.26 3.93 16.67
C LEU B 129 6.30 4.89 15.98
N ALA B 130 5.77 4.46 14.83
CA ALA B 130 4.79 5.26 14.09
C ALA B 130 3.41 5.07 14.72
N VAL B 131 2.73 6.17 15.00
CA VAL B 131 1.43 6.15 15.68
C VAL B 131 0.37 6.83 14.82
N LEU B 132 -0.58 6.03 14.34
CA LEU B 132 -1.58 6.49 13.38
C LEU B 132 -2.97 6.56 13.96
N THR B 133 -3.63 7.69 13.72
CA THR B 133 -5.08 7.80 13.87
C THR B 133 -5.64 7.55 12.48
N SER B 134 -6.89 7.93 12.24
CA SER B 134 -7.46 7.79 10.91
C SER B 134 -6.76 8.70 9.90
N HIS B 135 -6.32 9.87 10.36
CA HIS B 135 -5.76 10.89 9.47
C HIS B 135 -4.37 11.38 9.87
N THR B 136 -4.03 11.26 11.15
CA THR B 136 -2.79 11.85 11.66
C THR B 136 -1.70 10.80 11.89
N VAL B 137 -0.46 11.26 11.90
CA VAL B 137 0.69 10.40 12.12
C VAL B 137 1.67 11.06 13.09
N HIS B 138 1.96 10.37 14.19
CA HIS B 138 2.99 10.80 15.13
C HIS B 138 4.11 9.78 15.20
N ILE B 139 5.33 10.26 15.39
CA ILE B 139 6.49 9.39 15.58
C ILE B 139 6.94 9.47 17.03
N CYS B 140 6.87 8.34 17.72
CA CYS B 140 7.30 8.27 19.11
C CYS B 140 8.74 7.79 19.20
N ILE B 141 9.59 8.61 19.81
CA ILE B 141 10.95 8.21 20.13
C ILE B 141 10.88 7.30 21.34
N LEU B 142 11.00 6.00 21.12
CA LEU B 142 10.80 5.02 22.18
C LEU B 142 11.82 5.23 23.30
N PRO B 143 11.35 5.16 24.57
CA PRO B 143 12.24 5.45 25.68
C PRO B 143 13.12 4.27 26.08
N ASP B 144 14.11 4.53 26.94
CA ASP B 144 14.96 3.48 27.46
C ASP B 144 14.11 2.48 28.24
N SER B 145 14.46 1.21 28.14
CA SER B 145 13.70 0.15 28.82
C SER B 145 13.84 0.23 30.34
N SER B 146 14.83 0.98 30.82
CA SER B 146 15.05 1.12 32.26
C SER B 146 13.86 1.77 32.96
N HIS B 147 13.04 2.48 32.19
CA HIS B 147 11.87 3.16 32.74
C HIS B 147 10.77 2.20 33.17
N LEU B 148 10.94 0.91 32.86
CA LEU B 148 9.96 -0.10 33.26
C LEU B 148 10.20 -0.59 34.69
N HIS B 149 11.37 -0.30 35.23
CA HIS B 149 11.67 -0.66 36.62
C HIS B 149 11.09 0.37 37.58
N ILE B 150 10.72 -0.09 38.78
CA ILE B 150 10.19 0.79 39.81
C ILE B 150 11.29 1.69 40.35
N GLN B 151 12.53 1.21 40.26
CA GLN B 151 13.68 1.95 40.78
C GLN B 151 13.88 3.26 40.03
N ASP B 152 13.42 3.33 38.79
CA ASP B 152 13.56 4.52 37.97
C ASP B 152 12.73 5.67 38.54
N THR B 153 13.41 6.73 38.95
CA THR B 153 12.77 7.90 39.54
C THR B 153 12.77 9.07 38.56
N THR B 154 13.68 9.03 37.59
CA THR B 154 13.83 10.10 36.61
C THR B 154 12.52 10.39 35.88
N PRO B 155 12.35 11.64 35.40
CA PRO B 155 11.09 12.00 34.72
C PRO B 155 10.85 11.19 33.45
N PHE B 156 9.59 10.83 33.22
CA PHE B 156 9.21 9.97 32.10
C PHE B 156 8.31 10.70 31.13
N LYS B 157 8.89 11.21 30.05
CA LYS B 157 8.16 11.97 29.03
C LYS B 157 8.68 11.66 27.63
N PRO B 158 8.26 10.50 27.07
CA PRO B 158 8.67 10.09 25.73
C PRO B 158 8.33 11.14 24.67
N LYS B 159 9.30 11.48 23.84
CA LYS B 159 9.12 12.49 22.80
C LYS B 159 8.25 11.98 21.67
N PHE B 160 7.27 12.80 21.28
CA PHE B 160 6.40 12.52 20.14
C PHE B 160 6.61 13.60 19.07
N TRP B 161 6.86 13.18 17.85
CA TRP B 161 7.01 14.10 16.72
C TRP B 161 5.80 14.03 15.81
N THR B 162 5.25 15.18 15.47
CA THR B 162 4.17 15.25 14.49
C THR B 162 4.75 15.07 13.09
N LEU B 163 4.14 14.17 12.33
CA LEU B 163 4.58 13.90 10.96
C LEU B 163 3.64 14.58 9.97
N GLY B 164 4.17 15.51 9.19
CA GLY B 164 3.39 16.26 8.22
C GLY B 164 2.20 16.96 8.84
N PRO B 165 2.47 17.99 9.66
CA PRO B 165 1.42 18.77 10.34
C PRO B 165 0.36 19.35 9.40
N THR B 166 0.76 19.70 8.17
CA THR B 166 -0.15 20.28 7.19
C THR B 166 -0.54 19.26 6.11
N THR B 167 -0.02 18.04 6.26
CA THR B 167 -0.21 16.99 5.27
C THR B 167 -1.18 15.91 5.78
N HIS B 168 -0.78 15.24 6.85
CA HIS B 168 -1.61 14.22 7.45
C HIS B 168 -2.53 14.84 8.50
N VAL B 169 -3.67 15.33 8.03
CA VAL B 169 -4.59 16.10 8.85
C VAL B 169 -6.03 15.64 8.56
N THR B 170 -6.94 15.91 9.49
CA THR B 170 -8.33 15.50 9.34
C THR B 170 -9.01 16.18 8.15
N SER B 171 -8.45 17.31 7.70
CA SER B 171 -9.04 18.05 6.58
C SER B 171 -8.54 17.53 5.24
N ARG B 172 -7.62 16.56 5.26
CA ARG B 172 -7.09 15.96 4.03
CA ARG B 172 -7.10 15.98 4.03
C ARG B 172 -7.39 14.47 4.00
N SER B 173 -6.80 13.77 3.03
N SER B 173 -6.80 13.77 3.02
CA SER B 173 -7.07 12.35 2.84
CA SER B 173 -7.07 12.36 2.83
C SER B 173 -6.56 11.51 4.01
C SER B 173 -6.55 11.50 3.99
N ALA B 174 -7.34 10.52 4.40
CA ALA B 174 -6.98 9.63 5.51
C ALA B 174 -5.72 8.82 5.23
N VAL B 175 -4.97 8.52 6.27
CA VAL B 175 -3.78 7.69 6.15
C VAL B 175 -4.16 6.22 6.26
N VAL B 176 -3.65 5.41 5.34
CA VAL B 176 -4.03 4.01 5.22
C VAL B 176 -2.91 3.08 5.65
N SER B 177 -1.70 3.38 5.22
CA SER B 177 -0.54 2.56 5.57
C SER B 177 0.66 3.42 5.94
N ALA B 178 1.42 2.93 6.91
CA ALA B 178 2.71 3.47 7.24
C ALA B 178 3.68 2.30 7.35
N VAL B 179 4.67 2.27 6.47
CA VAL B 179 5.64 1.18 6.45
C VAL B 179 7.04 1.74 6.31
N TRP B 180 7.96 1.20 7.11
CA TRP B 180 9.34 1.67 7.11
C TRP B 180 10.07 1.07 5.93
N HIS B 181 10.92 1.85 5.28
CA HIS B 181 11.61 1.36 4.09
C HIS B 181 12.69 0.35 4.49
N PRO B 182 12.68 -0.85 3.88
CA PRO B 182 13.65 -1.89 4.22
C PRO B 182 15.11 -1.45 4.09
N LEU B 183 15.36 -0.44 3.25
CA LEU B 183 16.72 -0.01 2.94
C LEU B 183 17.01 1.39 3.49
N GLY B 184 16.11 1.90 4.32
CA GLY B 184 16.28 3.22 4.90
C GLY B 184 17.46 3.28 5.85
N VAL B 185 18.24 4.35 5.75
CA VAL B 185 19.39 4.55 6.64
C VAL B 185 18.91 4.56 8.10
N ASN B 186 19.57 3.76 8.94
CA ASN B 186 19.21 3.65 10.36
C ASN B 186 17.77 3.21 10.60
N GLY B 187 17.11 2.71 9.56
N GLY B 187 17.11 2.70 9.56
CA GLY B 187 15.72 2.33 9.65
CA GLY B 187 15.71 2.33 9.66
C GLY B 187 14.84 3.51 10.03
C GLY B 187 14.84 3.51 10.03
N HIS B 188 15.23 4.70 9.58
CA HIS B 188 14.50 5.93 9.90
C HIS B 188 13.79 6.54 8.70
N ALA B 189 13.73 5.79 7.60
CA ALA B 189 12.97 6.21 6.43
C ALA B 189 11.59 5.58 6.45
N LEU B 190 10.56 6.42 6.43
CA LEU B 190 9.18 5.97 6.53
C LEU B 190 8.38 6.30 5.27
N VAL B 191 7.54 5.37 4.85
CA VAL B 191 6.63 5.59 3.73
C VAL B 191 5.19 5.61 4.24
N THR B 192 4.48 6.69 3.94
CA THR B 192 3.06 6.77 4.25
C THR B 192 2.26 6.77 2.95
N VAL B 193 1.07 6.18 3.01
CA VAL B 193 0.17 6.12 1.87
C VAL B 193 -1.24 6.49 2.32
N THR B 194 -1.87 7.37 1.56
CA THR B 194 -3.23 7.83 1.87
C THR B 194 -4.24 7.13 0.97
N GLU B 195 -5.51 7.21 1.35
CA GLU B 195 -6.60 6.66 0.55
C GLU B 195 -6.58 7.17 -0.89
N ASP B 196 -6.24 8.45 -1.07
CA ASP B 196 -6.24 9.03 -2.41
C ASP B 196 -4.90 8.77 -3.10
N ALA B 197 -4.22 7.71 -2.68
CA ALA B 197 -3.08 7.15 -3.40
C ALA B 197 -1.93 8.13 -3.57
N ILE B 198 -1.62 8.89 -2.52
CA ILE B 198 -0.41 9.70 -2.50
C ILE B 198 0.64 9.00 -1.65
N VAL B 199 1.79 8.73 -2.27
CA VAL B 199 2.89 8.05 -1.61
C VAL B 199 3.92 9.08 -1.16
N ARG B 200 4.25 9.06 0.13
CA ARG B 200 5.20 10.02 0.68
C ARG B 200 6.31 9.34 1.45
N VAL B 201 7.55 9.63 1.05
CA VAL B 201 8.74 9.12 1.72
C VAL B 201 9.28 10.17 2.68
N TRP B 202 9.36 9.82 3.97
CA TRP B 202 9.91 10.70 5.00
C TRP B 202 11.22 10.11 5.50
N GLU B 203 12.27 10.93 5.52
CA GLU B 203 13.57 10.49 6.01
C GLU B 203 13.91 11.23 7.30
N LEU B 204 13.67 10.57 8.42
CA LEU B 204 13.63 11.22 9.72
C LEU B 204 15.00 11.40 10.38
N SER B 205 15.18 12.57 10.99
CA SER B 205 16.34 12.85 11.81
C SER B 205 15.92 13.73 12.98
N THR B 206 16.18 13.25 14.19
CA THR B 206 15.76 13.95 15.40
C THR B 206 16.52 15.26 15.59
N ALA B 207 17.57 15.47 14.79
CA ALA B 207 18.38 16.67 14.87
C ALA B 207 17.91 17.75 13.89
N ASP B 208 16.81 17.47 13.18
CA ASP B 208 16.27 18.41 12.20
C ASP B 208 14.75 18.27 12.11
N ARG B 209 14.04 19.20 12.76
CA ARG B 209 12.58 19.17 12.83
C ARG B 209 11.93 19.14 11.45
N TRP B 210 12.61 19.72 10.46
CA TRP B 210 12.04 19.83 9.12
C TRP B 210 11.82 18.46 8.47
N THR B 211 12.54 17.44 8.92
CA THR B 211 12.40 16.10 8.34
C THR B 211 11.06 15.48 8.70
N PHE B 212 10.47 15.95 9.79
CA PHE B 212 9.14 15.50 10.20
C PHE B 212 8.04 16.34 9.56
N ASP B 213 8.38 17.55 9.15
CA ASP B 213 7.38 18.51 8.64
C ASP B 213 7.03 18.23 7.19
N ALA B 214 8.02 17.82 6.41
CA ALA B 214 7.85 17.64 4.97
C ALA B 214 8.53 16.36 4.49
N PRO B 215 7.94 15.69 3.49
CA PRO B 215 8.57 14.49 2.93
C PRO B 215 9.66 14.83 1.93
N THR B 216 10.60 13.91 1.73
CA THR B 216 11.66 14.09 0.75
C THR B 216 11.12 13.80 -0.66
N LEU B 217 10.10 12.94 -0.72
CA LEU B 217 9.48 12.55 -1.98
C LEU B 217 7.98 12.42 -1.80
N ALA B 218 7.22 12.92 -2.77
CA ALA B 218 5.77 12.86 -2.73
C ALA B 218 5.24 12.54 -4.12
N ILE B 219 4.54 11.42 -4.24
CA ILE B 219 4.08 10.94 -5.53
C ILE B 219 2.56 10.78 -5.54
N ASP B 220 1.91 11.46 -6.47
CA ASP B 220 0.49 11.26 -6.71
C ASP B 220 0.31 10.18 -7.76
N LEU B 221 -0.03 8.97 -7.31
CA LEU B 221 -0.20 7.83 -8.20
C LEU B 221 -1.26 8.06 -9.28
N LYS B 222 -2.23 8.92 -8.98
CA LYS B 222 -3.30 9.21 -9.93
C LYS B 222 -2.79 10.00 -11.13
N LYS B 223 -1.81 10.86 -10.89
N LYS B 223 -1.80 10.86 -10.90
CA LYS B 223 -1.14 11.57 -11.98
CA LYS B 223 -1.15 11.56 -11.99
C LYS B 223 -0.23 10.62 -12.73
C LYS B 223 -0.23 10.61 -12.73
N LEU B 224 0.55 9.85 -11.97
CA LEU B 224 1.52 8.92 -12.54
C LEU B 224 0.89 7.86 -13.42
N ALA B 225 -0.28 7.38 -13.03
CA ALA B 225 -0.96 6.30 -13.74
C ALA B 225 -1.27 6.69 -15.19
N ASP B 226 -1.54 7.98 -15.40
CA ASP B 226 -2.01 8.45 -16.70
C ASP B 226 -0.92 9.22 -17.45
N ALA B 227 0.27 9.28 -16.87
CA ALA B 227 1.39 10.02 -17.44
C ALA B 227 2.02 9.27 -18.60
N THR B 228 2.70 10.01 -19.47
CA THR B 228 3.31 9.45 -20.67
C THR B 228 4.84 9.42 -20.56
N TYR B 229 5.42 10.45 -19.96
CA TYR B 229 6.87 10.59 -19.89
C TYR B 229 7.36 10.70 -18.45
N LEU B 230 8.59 10.26 -18.20
CA LEU B 230 9.14 10.17 -16.85
C LEU B 230 9.39 11.52 -16.18
N ASP B 231 9.36 12.60 -16.95
CA ASP B 231 9.68 13.93 -16.42
C ASP B 231 8.43 14.78 -16.20
N GLN B 232 7.26 14.20 -16.41
CA GLN B 232 6.01 14.90 -16.13
C GLN B 232 5.87 15.09 -14.62
N ASP B 233 4.90 15.91 -14.23
CA ASP B 233 4.71 16.25 -12.82
C ASP B 233 3.94 15.15 -12.08
N PHE B 234 4.57 14.58 -11.07
CA PHE B 234 3.94 13.54 -10.25
C PHE B 234 3.84 14.00 -8.80
N GLY B 235 4.23 15.25 -8.54
CA GLY B 235 4.29 15.79 -7.20
C GLY B 235 2.94 16.20 -6.65
N VAL B 236 2.95 16.78 -5.47
CA VAL B 236 1.74 17.23 -4.81
C VAL B 236 1.87 18.70 -4.43
N SER B 237 0.78 19.44 -4.60
CA SER B 237 0.75 20.86 -4.28
C SER B 237 0.22 21.08 -2.88
N THR B 238 0.93 21.90 -2.11
CA THR B 238 0.49 22.28 -0.79
C THR B 238 -0.83 23.06 -0.87
N SER B 239 -0.99 23.81 -1.95
CA SER B 239 -2.17 24.64 -2.16
C SER B 239 -3.41 23.84 -2.58
N ALA B 240 -3.19 22.66 -3.16
CA ALA B 240 -4.30 21.84 -3.65
C ALA B 240 -5.03 21.16 -2.50
N THR B 241 -5.93 21.91 -1.85
CA THR B 241 -6.65 21.43 -0.68
C THR B 241 -8.09 21.04 -0.99
N ASN B 242 -8.67 21.64 -2.02
CA ASN B 242 -10.03 21.31 -2.43
C ASN B 242 -10.05 20.13 -3.39
N LYS B 243 -10.82 19.10 -3.05
CA LYS B 243 -10.87 17.88 -3.87
C LYS B 243 -11.70 18.09 -5.12
N GLY B 244 -11.24 17.53 -6.22
CA GLY B 244 -11.98 17.55 -7.48
C GLY B 244 -12.83 16.31 -7.63
N PHE B 245 -13.07 15.92 -8.88
CA PHE B 245 -13.93 14.77 -9.19
C PHE B 245 -13.23 13.83 -10.17
N SER B 246 -13.26 12.55 -9.84
CA SER B 246 -12.54 11.55 -10.61
C SER B 246 -13.06 10.13 -10.32
N PRO B 247 -13.12 9.27 -11.34
CA PRO B 247 -13.48 7.87 -11.08
C PRO B 247 -12.45 7.19 -10.18
N ASP B 248 -11.24 7.72 -10.16
CA ASP B 248 -10.18 7.17 -9.33
C ASP B 248 -10.42 7.43 -7.84
N ALA B 249 -11.48 8.17 -7.54
CA ALA B 249 -11.91 8.34 -6.15
C ALA B 249 -12.23 7.00 -5.51
N PHE B 250 -12.71 6.05 -6.32
CA PHE B 250 -12.98 4.70 -5.84
C PHE B 250 -12.05 3.67 -6.47
N ASP B 251 -11.65 3.90 -7.72
CA ASP B 251 -10.87 2.90 -8.46
C ASP B 251 -9.42 2.90 -8.02
N MET B 252 -8.96 4.01 -7.45
CA MET B 252 -7.61 4.08 -6.89
C MET B 252 -7.66 4.48 -5.42
N GLU B 253 -8.75 4.10 -4.75
CA GLU B 253 -8.82 4.22 -3.30
C GLU B 253 -7.95 3.13 -2.70
N VAL B 254 -6.89 3.52 -1.98
CA VAL B 254 -5.94 2.56 -1.45
C VAL B 254 -6.49 1.86 -0.21
N ALA B 255 -6.37 0.54 -0.19
CA ALA B 255 -6.74 -0.26 0.98
C ALA B 255 -5.53 -0.48 1.87
N ALA B 256 -4.38 -0.80 1.26
CA ALA B 256 -3.16 -1.01 2.01
C ALA B 256 -1.95 -1.06 1.08
N ALA B 257 -0.77 -0.87 1.66
CA ALA B 257 0.48 -0.94 0.93
C ALA B 257 1.54 -1.60 1.79
N CYS B 258 2.50 -2.25 1.14
CA CYS B 258 3.58 -2.89 1.88
C CYS B 258 4.83 -3.01 1.03
N PHE B 259 5.97 -3.12 1.71
CA PHE B 259 7.21 -3.56 1.09
C PHE B 259 7.31 -5.06 1.31
N PRO B 260 8.04 -5.76 0.44
CA PRO B 260 8.27 -7.17 0.73
C PRO B 260 8.99 -7.35 2.06
N THR B 261 8.72 -8.48 2.71
CA THR B 261 9.48 -8.95 3.85
C THR B 261 10.96 -8.81 3.53
N ARG B 262 11.77 -8.36 4.48
CA ARG B 262 13.18 -8.11 4.16
C ARG B 262 13.91 -9.43 4.03
N ASP B 263 15.24 -9.35 3.97
CA ASP B 263 16.06 -10.48 3.55
C ASP B 263 15.64 -10.95 2.15
N SER B 264 15.00 -10.04 1.41
CA SER B 264 14.57 -10.34 0.04
C SER B 264 15.64 -9.89 -0.94
N GLY B 265 15.72 -10.58 -2.07
CA GLY B 265 16.72 -10.28 -3.08
C GLY B 265 16.12 -9.57 -4.27
N GLY B 266 16.94 -9.36 -5.29
CA GLY B 266 16.51 -8.69 -6.50
C GLY B 266 15.93 -7.32 -6.21
N TRP B 267 14.89 -6.98 -6.96
CA TRP B 267 14.25 -5.67 -6.84
C TRP B 267 13.26 -5.59 -5.69
N ALA B 268 13.02 -6.71 -5.03
CA ALA B 268 11.98 -6.81 -4.00
C ALA B 268 12.09 -5.72 -2.92
N PRO B 269 13.30 -5.50 -2.37
CA PRO B 269 13.34 -4.52 -1.28
C PRO B 269 13.22 -3.06 -1.74
N MET B 270 13.11 -2.83 -3.05
CA MET B 270 12.84 -1.48 -3.58
C MET B 270 11.46 -1.40 -4.22
N THR B 271 10.63 -2.40 -3.96
CA THR B 271 9.33 -2.49 -4.62
C THR B 271 8.21 -2.23 -3.61
N LEU B 272 7.46 -1.16 -3.83
CA LEU B 272 6.28 -0.88 -3.03
C LEU B 272 5.06 -1.48 -3.72
N TRP B 273 4.34 -2.32 -2.98
CA TRP B 273 3.14 -2.96 -3.49
C TRP B 273 1.91 -2.28 -2.89
N LEU B 274 0.86 -2.13 -3.70
CA LEU B 274 -0.37 -1.50 -3.23
C LEU B 274 -1.61 -2.28 -3.64
N ALA B 275 -2.60 -2.27 -2.75
CA ALA B 275 -3.89 -2.89 -3.01
C ALA B 275 -5.01 -1.87 -2.85
N MET B 276 -5.82 -1.74 -3.90
CA MET B 276 -6.95 -0.82 -3.90
C MET B 276 -8.21 -1.54 -3.44
N THR B 277 -9.14 -0.81 -2.82
CA THR B 277 -10.40 -1.40 -2.39
C THR B 277 -11.22 -1.82 -3.59
N SER B 278 -10.89 -1.31 -4.76
CA SER B 278 -11.58 -1.69 -5.99
C SER B 278 -11.22 -3.11 -6.41
N GLY B 279 -10.13 -3.63 -5.86
CA GLY B 279 -9.67 -4.98 -6.16
C GLY B 279 -8.38 -5.04 -6.96
N ASP B 280 -7.88 -3.87 -7.39
CA ASP B 280 -6.69 -3.81 -8.21
C ASP B 280 -5.42 -3.79 -7.37
N VAL B 281 -4.33 -4.26 -7.98
CA VAL B 281 -3.02 -4.32 -7.33
C VAL B 281 -2.02 -3.57 -8.20
N TYR B 282 -1.13 -2.82 -7.56
CA TYR B 282 -0.11 -2.05 -8.25
C TYR B 282 1.25 -2.26 -7.61
N ALA B 283 2.30 -1.96 -8.37
CA ALA B 283 3.66 -2.03 -7.86
C ALA B 283 4.47 -0.84 -8.34
N LEU B 284 5.33 -0.32 -7.46
CA LEU B 284 6.25 0.76 -7.80
C LEU B 284 7.69 0.29 -7.57
N CYS B 285 8.51 0.35 -8.61
CA CYS B 285 9.89 -0.13 -8.49
C CYS B 285 10.81 0.55 -9.50
N PRO B 286 11.97 1.06 -9.05
CA PRO B 286 12.54 1.05 -7.69
C PRO B 286 12.20 2.30 -6.89
N LEU B 287 11.55 2.12 -5.74
CA LEU B 287 11.21 3.23 -4.85
C LEU B 287 12.24 3.33 -3.74
N LEU B 288 13.04 4.40 -3.78
CA LEU B 288 14.11 4.59 -2.80
C LEU B 288 14.04 5.99 -2.18
N PRO B 289 14.41 6.10 -0.90
CA PRO B 289 14.63 7.44 -0.34
C PRO B 289 15.90 8.07 -0.93
N GLN B 290 16.16 9.33 -0.61
CA GLN B 290 17.32 10.04 -1.16
C GLN B 290 18.61 9.29 -0.85
N ARG B 291 18.65 8.65 0.31
CA ARG B 291 19.81 7.87 0.73
C ARG B 291 19.33 6.51 1.23
N TRP B 292 20.11 5.46 0.95
CA TRP B 292 19.68 4.10 1.25
C TRP B 292 20.86 3.20 1.60
N THR B 293 20.56 2.13 2.35
CA THR B 293 21.57 1.18 2.82
C THR B 293 21.21 -0.23 2.36
N PRO B 294 21.97 -0.76 1.38
CA PRO B 294 21.71 -2.14 0.93
C PRO B 294 22.54 -3.17 1.70
N PRO B 295 22.03 -4.40 1.83
CA PRO B 295 22.90 -5.44 2.37
C PRO B 295 23.98 -5.79 1.35
N PRO B 296 25.12 -6.34 1.80
CA PRO B 296 26.31 -6.52 0.97
C PRO B 296 26.05 -7.20 -0.38
N THR B 297 24.99 -7.99 -0.46
CA THR B 297 24.75 -8.85 -1.62
C THR B 297 23.72 -8.30 -2.60
N LEU B 298 23.07 -7.19 -2.25
CA LEU B 298 21.98 -6.67 -3.08
C LEU B 298 22.49 -6.08 -4.39
N ILE B 299 23.41 -5.12 -4.30
CA ILE B 299 23.92 -4.42 -5.47
C ILE B 299 24.61 -5.36 -6.48
N PRO B 300 25.49 -6.25 -6.01
CA PRO B 300 26.13 -7.15 -6.98
C PRO B 300 25.14 -8.09 -7.67
N SER B 301 24.10 -8.54 -6.96
CA SER B 301 23.11 -9.41 -7.56
C SER B 301 22.29 -8.66 -8.62
N LEU B 302 21.96 -7.41 -8.33
CA LEU B 302 21.21 -6.59 -9.28
C LEU B 302 22.04 -6.28 -10.52
N SER B 303 23.32 -5.96 -10.34
CA SER B 303 24.21 -5.69 -11.46
C SER B 303 24.19 -6.85 -12.45
N ALA B 304 24.36 -8.07 -11.93
CA ALA B 304 24.34 -9.26 -12.76
C ALA B 304 23.02 -9.40 -13.48
N SER B 305 21.93 -9.15 -12.75
CA SER B 305 20.59 -9.24 -13.30
C SER B 305 20.40 -8.23 -14.43
N ILE B 306 20.90 -7.02 -14.24
CA ILE B 306 20.78 -5.97 -15.24
C ILE B 306 21.63 -6.29 -16.47
N VAL B 307 22.90 -6.64 -16.23
CA VAL B 307 23.80 -7.00 -17.32
C VAL B 307 23.21 -8.12 -18.16
N ALA B 308 22.64 -9.12 -17.51
CA ALA B 308 22.06 -10.26 -18.19
C ALA B 308 20.87 -9.84 -19.05
N LYS B 309 20.09 -8.88 -18.55
CA LYS B 309 18.90 -8.42 -19.26
C LYS B 309 19.28 -7.61 -20.50
N VAL B 310 20.35 -6.82 -20.38
CA VAL B 310 20.87 -6.07 -21.50
C VAL B 310 21.37 -7.02 -22.59
N ALA B 311 22.05 -8.09 -22.16
CA ALA B 311 22.58 -9.06 -23.09
C ALA B 311 21.46 -9.74 -23.87
N ALA B 312 20.44 -10.19 -23.16
CA ALA B 312 19.31 -10.88 -23.77
C ALA B 312 18.57 -9.96 -24.74
N ALA B 313 18.45 -8.69 -24.38
CA ALA B 313 17.74 -7.72 -25.21
C ALA B 313 18.52 -7.45 -26.49
N GLU B 314 19.85 -7.42 -26.38
CA GLU B 314 20.70 -7.13 -27.52
C GLU B 314 20.92 -8.36 -28.38
N ASP B 315 21.19 -9.50 -27.74
CA ASP B 315 21.45 -10.74 -28.47
C ASP B 315 20.24 -11.20 -29.26
N ASN B 316 19.04 -10.87 -28.77
CA ASN B 316 17.81 -11.27 -29.42
C ASN B 316 17.45 -10.32 -30.56
N PRO B 317 17.33 -10.82 -31.79
CA PRO B 317 16.95 -9.94 -32.90
C PRO B 317 15.46 -9.58 -32.86
N GLU B 318 14.68 -10.39 -32.16
CA GLU B 318 13.24 -10.16 -32.05
C GLU B 318 12.90 -9.26 -30.87
N SER B 319 13.92 -8.62 -30.30
CA SER B 319 13.72 -7.74 -29.15
C SER B 319 13.10 -6.41 -29.57
N THR B 320 11.96 -6.09 -28.98
CA THR B 320 11.24 -4.86 -29.29
C THR B 320 12.00 -3.65 -28.74
N PRO B 321 11.80 -2.47 -29.35
CA PRO B 321 12.45 -1.27 -28.82
C PRO B 321 11.96 -0.93 -27.42
N GLU B 322 10.80 -1.45 -27.05
CA GLU B 322 10.25 -1.23 -25.71
CA GLU B 322 10.25 -1.23 -25.71
C GLU B 322 10.94 -2.12 -24.70
N GLU B 323 11.36 -3.30 -25.15
CA GLU B 323 12.06 -4.24 -24.29
C GLU B 323 13.51 -3.81 -24.07
N ARG B 324 14.08 -3.18 -25.08
CA ARG B 324 15.46 -2.69 -24.99
C ARG B 324 15.56 -1.46 -24.10
N LEU B 325 14.48 -0.69 -24.05
CA LEU B 325 14.45 0.53 -23.26
C LEU B 325 14.47 0.23 -21.76
N VAL B 326 13.79 -0.83 -21.36
CA VAL B 326 13.77 -1.22 -19.96
C VAL B 326 15.17 -1.62 -19.53
N ALA B 327 15.86 -2.38 -20.38
CA ALA B 327 17.23 -2.77 -20.10
C ALA B 327 18.14 -1.55 -20.03
N GLN B 328 17.93 -0.62 -20.96
CA GLN B 328 18.68 0.63 -20.99
C GLN B 328 18.49 1.46 -19.71
N GLN B 329 17.23 1.63 -19.31
CA GLN B 329 16.90 2.42 -18.13
C GLN B 329 17.53 1.82 -16.87
N GLN B 330 17.48 0.50 -16.75
CA GLN B 330 18.06 -0.18 -15.61
C GLN B 330 19.57 -0.04 -15.58
N LEU B 331 20.19 -0.09 -16.76
CA LEU B 331 21.64 0.07 -16.87
C LEU B 331 22.04 1.49 -16.51
N GLU B 332 21.21 2.46 -16.88
CA GLU B 332 21.46 3.85 -16.56
C GLU B 332 21.35 4.08 -15.06
N TRP B 333 20.33 3.47 -14.45
CA TRP B 333 20.14 3.51 -13.01
C TRP B 333 21.36 2.95 -12.27
N MET B 334 21.84 1.80 -12.72
CA MET B 334 22.97 1.13 -12.08
C MET B 334 24.27 1.92 -12.24
N SER B 335 24.43 2.60 -13.37
CA SER B 335 25.66 3.35 -13.64
C SER B 335 25.85 4.47 -12.62
N GLU B 336 24.74 4.96 -12.09
CA GLU B 336 24.79 5.98 -11.04
C GLU B 336 25.34 5.40 -9.74
N ILE B 337 25.25 4.08 -9.60
CA ILE B 337 25.70 3.40 -8.39
C ILE B 337 27.15 2.94 -8.51
N ASP B 338 27.54 2.48 -9.70
CA ASP B 338 28.92 2.04 -9.94
C ASP B 338 29.90 3.19 -9.78
N ASN B 339 29.53 4.35 -10.30
CA ASN B 339 30.36 5.55 -10.22
C ASN B 339 30.09 6.33 -8.95
N GLN B 340 29.86 5.61 -7.86
CA GLN B 340 29.52 6.21 -6.58
C GLN B 340 30.27 5.54 -5.44
N GLU B 341 30.92 6.35 -4.61
CA GLU B 341 31.62 5.84 -3.44
C GLU B 341 30.69 5.90 -2.23
N PRO B 342 30.40 4.74 -1.62
CA PRO B 342 29.45 4.73 -0.50
C PRO B 342 30.02 5.38 0.76
N LYS B 343 29.22 6.20 1.41
CA LYS B 343 29.61 6.82 2.66
C LYS B 343 29.33 5.89 3.84
N LEU B 344 30.12 6.08 4.88
CA LEU B 344 30.12 5.24 6.07
C LEU B 344 29.69 6.06 7.28
N VAL B 345 28.64 5.61 7.94
CA VAL B 345 28.12 6.28 9.13
C VAL B 345 27.67 5.25 10.15
N GLU B 346 27.78 5.63 11.42
CA GLU B 346 27.44 4.75 12.54
C GLU B 346 26.00 4.24 12.47
N GLU B 347 25.69 3.32 13.36
CA GLU B 347 24.34 2.80 13.54
C GLU B 347 23.72 3.44 14.77
N ALA B 348 22.51 3.96 14.61
CA ALA B 348 21.83 4.70 15.68
C ALA B 348 21.65 3.85 16.92
N THR B 349 21.23 2.60 16.72
CA THR B 349 21.06 1.65 17.81
C THR B 349 22.13 0.56 17.70
N GLY B 350 23.30 0.94 17.20
CA GLY B 350 24.31 -0.04 16.86
C GLY B 350 25.75 0.29 17.20
N GLU B 351 26.55 -0.74 16.99
CA GLU B 351 28.00 -0.76 17.18
C GLU B 351 28.76 -1.05 15.90
N ALA B 352 28.16 -0.74 14.74
CA ALA B 352 28.81 -1.02 13.47
C ALA B 352 28.35 -0.14 12.32
N THR B 353 29.36 0.23 11.53
CA THR B 353 29.24 1.10 10.37
C THR B 353 28.74 0.33 9.15
N ILE B 354 28.14 1.06 8.21
CA ILE B 354 27.61 0.44 7.02
C ILE B 354 27.54 1.41 5.84
N GLU B 355 27.60 0.84 4.64
CA GLU B 355 27.60 1.60 3.40
C GLU B 355 26.30 2.35 3.17
N VAL B 356 26.42 3.61 2.74
CA VAL B 356 25.26 4.44 2.44
C VAL B 356 25.40 5.03 1.04
N TYR B 357 24.42 4.74 0.20
CA TYR B 357 24.38 5.25 -1.16
C TYR B 357 23.29 6.30 -1.30
N THR B 358 23.39 7.11 -2.34
CA THR B 358 22.34 8.06 -2.69
C THR B 358 21.50 7.49 -3.81
N ARG B 359 20.25 7.93 -3.91
CA ARG B 359 19.37 7.45 -4.97
C ARG B 359 19.87 7.93 -6.32
N PRO B 360 19.95 7.04 -7.32
CA PRO B 360 20.23 7.49 -8.68
C PRO B 360 19.22 8.55 -9.13
N SER B 361 19.69 9.57 -9.82
CA SER B 361 18.82 10.62 -10.34
C SER B 361 18.28 10.26 -11.71
N ARG B 362 19.02 9.42 -12.42
CA ARG B 362 18.60 8.93 -13.74
C ARG B 362 18.12 7.48 -13.62
N PRO B 363 17.16 7.06 -14.47
CA PRO B 363 16.47 7.85 -15.50
C PRO B 363 15.53 8.89 -14.90
N GLY B 364 15.09 8.65 -13.66
CA GLY B 364 14.22 9.58 -12.96
C GLY B 364 13.98 9.13 -11.54
N LEU B 365 13.41 10.01 -10.72
CA LEU B 365 13.19 9.70 -9.32
C LEU B 365 11.94 8.85 -9.11
N VAL B 366 10.95 9.04 -9.98
CA VAL B 366 9.67 8.37 -9.85
C VAL B 366 9.58 7.20 -10.83
N PRO B 367 9.49 5.97 -10.32
CA PRO B 367 9.36 4.84 -11.24
C PRO B 367 7.96 4.77 -11.84
N LYS B 368 7.83 3.99 -12.91
CA LYS B 368 6.54 3.78 -13.54
C LYS B 368 5.59 3.05 -12.58
N LEU B 369 4.32 3.44 -12.60
CA LEU B 369 3.31 2.70 -11.86
C LEU B 369 2.93 1.46 -12.67
N GLN B 370 3.15 0.29 -12.09
CA GLN B 370 2.86 -0.97 -12.75
C GLN B 370 1.52 -1.52 -12.28
N GLY B 371 0.61 -1.75 -13.23
CA GLY B 371 -0.70 -2.31 -12.94
C GLY B 371 -1.80 -1.53 -13.65
N PRO B 372 -3.07 -1.90 -13.42
CA PRO B 372 -3.49 -3.01 -12.55
C PRO B 372 -3.02 -4.36 -13.05
N PHE B 373 -2.45 -5.18 -12.16
CA PHE B 373 -2.01 -6.51 -12.53
C PHE B 373 -3.21 -7.39 -12.91
N ASP B 374 -3.08 -8.11 -14.01
N ASP B 374 -3.08 -8.11 -14.01
CA ASP B 374 -4.08 -9.11 -14.39
CA ASP B 374 -4.08 -9.10 -14.40
C ASP B 374 -3.81 -10.40 -13.64
C ASP B 374 -3.81 -10.41 -13.65
N PHE B 375 -4.84 -10.93 -12.98
CA PHE B 375 -4.71 -12.19 -12.26
C PHE B 375 -5.00 -13.36 -13.21
N ASP B 376 -3.94 -14.02 -13.65
CA ASP B 376 -4.10 -15.18 -14.53
C ASP B 376 -4.69 -16.34 -13.72
N LEU B 377 -5.61 -17.09 -14.34
CA LEU B 377 -6.34 -18.16 -13.68
C LEU B 377 -7.11 -17.67 -12.46
N ASN B 378 -7.55 -16.42 -12.49
CA ASN B 378 -8.37 -15.88 -11.42
C ASN B 378 -9.70 -16.62 -11.34
N PRO B 379 -10.21 -16.84 -10.10
CA PRO B 379 -11.55 -17.44 -9.99
C PRO B 379 -12.60 -16.60 -10.69
N GLU B 380 -13.52 -17.25 -11.40
CA GLU B 380 -14.57 -16.54 -12.11
C GLU B 380 -15.80 -16.37 -11.24
N ASP B 381 -16.60 -15.37 -11.55
CA ASP B 381 -17.84 -15.08 -10.81
C ASP B 381 -17.57 -14.77 -9.34
N GLU B 382 -16.54 -13.98 -9.08
CA GLU B 382 -16.26 -13.50 -7.73
C GLU B 382 -17.32 -12.51 -7.28
N GLN B 383 -17.71 -12.59 -6.01
CA GLN B 383 -18.67 -11.65 -5.46
C GLN B 383 -18.01 -10.32 -5.13
N ASP B 384 -18.82 -9.33 -4.78
CA ASP B 384 -18.29 -7.99 -4.50
C ASP B 384 -17.32 -8.01 -3.32
N ASP B 385 -17.67 -8.73 -2.26
CA ASP B 385 -16.84 -8.78 -1.07
C ASP B 385 -15.61 -9.68 -1.26
N GLU B 386 -15.53 -10.33 -2.43
CA GLU B 386 -14.37 -11.15 -2.77
C GLU B 386 -13.40 -10.37 -3.63
N VAL B 387 -13.93 -9.51 -4.50
CA VAL B 387 -13.10 -8.68 -5.36
C VAL B 387 -12.48 -7.55 -4.53
N GLU B 388 -13.30 -6.97 -3.67
CA GLU B 388 -12.88 -5.85 -2.82
C GLU B 388 -11.76 -6.26 -1.86
N LEU B 389 -10.63 -5.56 -1.94
CA LEU B 389 -9.45 -5.90 -1.13
C LEU B 389 -9.36 -5.04 0.12
N LYS B 390 -8.80 -5.61 1.18
CA LYS B 390 -8.65 -4.92 2.45
C LYS B 390 -7.22 -4.96 2.98
N ASP B 391 -6.42 -5.92 2.49
CA ASP B 391 -5.03 -5.97 2.87
C ASP B 391 -4.18 -6.66 1.81
N ILE B 392 -2.87 -6.40 1.87
CA ILE B 392 -1.92 -7.03 0.97
C ILE B 392 -0.67 -7.39 1.76
N TYR B 393 -0.12 -8.56 1.46
CA TYR B 393 1.07 -9.05 2.15
C TYR B 393 1.97 -9.77 1.15
N VAL B 394 3.19 -9.26 0.99
CA VAL B 394 4.10 -9.76 -0.03
C VAL B 394 5.34 -10.39 0.57
N ILE B 395 5.59 -11.64 0.20
CA ILE B 395 6.81 -12.33 0.58
C ILE B 395 7.79 -12.22 -0.59
N GLY B 396 8.83 -11.42 -0.40
CA GLY B 396 9.78 -11.17 -1.47
C GLY B 396 10.56 -12.40 -1.85
N GLU B 397 10.95 -12.48 -3.13
CA GLU B 397 11.87 -13.50 -3.60
C GLU B 397 13.11 -13.49 -2.73
N LYS B 398 13.71 -14.66 -2.52
CA LYS B 398 14.94 -14.75 -1.76
C LYS B 398 16.11 -15.01 -2.70
N PRO B 399 17.31 -14.50 -2.37
CA PRO B 399 18.48 -14.73 -3.23
C PRO B 399 18.76 -16.22 -3.43
N ARG B 400 19.23 -16.57 -4.62
CA ARG B 400 19.52 -17.96 -4.95
C ARG B 400 20.89 -18.36 -4.42
N ASN B 421 16.59 -18.79 3.17
CA ASN B 421 16.30 -19.85 2.21
C ASN B 421 14.80 -20.00 1.99
N GLY B 422 14.38 -19.96 0.72
CA GLY B 422 12.97 -20.04 0.39
C GLY B 422 12.74 -20.05 -1.11
N LEU B 423 11.68 -19.38 -1.55
CA LEU B 423 11.29 -19.40 -2.95
C LEU B 423 11.87 -18.22 -3.72
N SER B 424 12.43 -18.52 -4.89
CA SER B 424 13.03 -17.48 -5.74
C SER B 424 11.97 -16.72 -6.54
N LEU B 425 10.79 -16.51 -5.93
CA LEU B 425 9.72 -15.76 -6.55
C LEU B 425 8.99 -14.94 -5.51
N ASN B 426 8.55 -13.75 -5.88
CA ASN B 426 7.67 -12.98 -5.02
C ASN B 426 6.33 -13.68 -4.89
N ILE B 427 5.80 -13.71 -3.66
CA ILE B 427 4.46 -14.22 -3.41
C ILE B 427 3.60 -13.08 -2.93
N ILE B 428 2.56 -12.77 -3.71
CA ILE B 428 1.65 -11.68 -3.39
C ILE B 428 0.37 -12.25 -2.81
N CYS B 429 0.12 -11.96 -1.55
CA CYS B 429 -1.05 -12.45 -0.84
C CYS B 429 -2.08 -11.31 -0.70
N LEU B 430 -3.32 -11.60 -1.05
CA LEU B 430 -4.38 -10.60 -1.09
C LEU B 430 -5.54 -11.00 -0.20
N LEU B 431 -5.98 -10.08 0.65
CA LEU B 431 -7.06 -10.33 1.60
C LEU B 431 -8.29 -9.50 1.26
N SER B 432 -9.40 -10.19 1.00
CA SER B 432 -10.66 -9.55 0.63
C SER B 432 -11.50 -9.22 1.85
N THR B 433 -12.48 -8.34 1.67
CA THR B 433 -13.42 -8.00 2.73
C THR B 433 -14.06 -9.24 3.33
N SER B 434 -14.36 -10.21 2.47
CA SER B 434 -15.02 -11.44 2.88
C SER B 434 -14.11 -12.33 3.73
N GLY B 435 -12.83 -12.00 3.76
CA GLY B 435 -11.84 -12.82 4.44
C GLY B 435 -11.20 -13.81 3.48
N GLN B 436 -11.60 -13.76 2.21
CA GLN B 436 -10.98 -14.58 1.18
C GLN B 436 -9.51 -14.21 1.05
N VAL B 437 -8.67 -15.24 0.96
CA VAL B 437 -7.24 -15.07 0.74
C VAL B 437 -6.86 -15.60 -0.63
N LYS B 438 -6.04 -14.85 -1.34
CA LYS B 438 -5.57 -15.23 -2.66
C LYS B 438 -4.05 -15.22 -2.69
N ILE B 439 -3.46 -16.36 -3.06
CA ILE B 439 -2.02 -16.50 -3.13
C ILE B 439 -1.58 -16.46 -4.59
N CYS B 440 -0.84 -15.41 -4.94
CA CYS B 440 -0.39 -15.21 -6.31
C CYS B 440 1.12 -15.30 -6.41
N LEU B 441 1.60 -15.82 -7.53
CA LEU B 441 3.04 -15.94 -7.77
C LEU B 441 3.46 -14.99 -8.87
N ASP B 442 4.57 -14.28 -8.64
CA ASP B 442 5.12 -13.37 -9.62
C ASP B 442 6.03 -14.13 -10.58
N ILE B 443 5.42 -14.76 -11.58
CA ILE B 443 6.13 -15.57 -12.55
C ILE B 443 7.02 -14.74 -13.45
N ASP B 444 6.55 -13.56 -13.82
CA ASP B 444 7.26 -12.71 -14.78
C ASP B 444 8.39 -11.95 -14.09
N GLY B 445 8.19 -11.58 -12.84
CA GLY B 445 9.23 -10.91 -12.07
C GLY B 445 9.15 -9.41 -12.20
N VAL B 446 8.53 -8.76 -11.22
CA VAL B 446 8.46 -7.32 -11.17
C VAL B 446 9.87 -6.75 -11.03
N GLU B 447 10.22 -5.81 -11.90
CA GLU B 447 11.54 -5.21 -11.92
C GLU B 447 11.45 -3.69 -12.12
N ALA B 448 12.61 -3.04 -12.03
CA ALA B 448 12.70 -1.60 -12.19
C ALA B 448 12.16 -1.16 -13.54
N GLN B 449 11.23 -0.20 -13.52
CA GLN B 449 10.72 0.38 -14.75
C GLN B 449 10.36 1.85 -14.57
N TRP B 450 10.64 2.63 -15.61
CA TRP B 450 10.26 4.04 -15.67
C TRP B 450 9.49 4.30 -16.95
N LEU B 451 8.71 5.38 -16.97
CA LEU B 451 8.08 5.83 -18.19
C LEU B 451 9.15 6.25 -19.19
N PRO B 452 8.82 6.28 -20.49
CA PRO B 452 9.81 6.68 -21.50
C PRO B 452 10.28 8.12 -21.36
N PRO B 453 11.48 8.44 -21.89
CA PRO B 453 11.89 9.83 -22.00
C PRO B 453 11.19 10.51 -23.17
N ARG B 454 11.13 11.84 -23.17
CA ARG B 454 10.48 12.57 -24.25
C ARG B 454 11.25 12.42 -25.56
N SER B 455 12.50 11.94 -25.47
CA SER B 455 13.33 11.70 -26.64
C SER B 455 12.70 10.65 -27.55
N LYS B 456 12.03 9.67 -26.93
CA LYS B 456 11.39 8.60 -27.69
C LYS B 456 10.24 9.12 -28.55
N ASN B 457 10.21 8.66 -29.80
CA ASN B 457 9.12 9.00 -30.71
C ASN B 457 8.13 7.86 -30.80
N LYS B 458 6.85 8.16 -30.58
CA LYS B 458 5.81 7.15 -30.58
C LYS B 458 5.66 6.51 -31.96
N ARG B 459 5.61 5.19 -31.98
CA ARG B 459 5.47 4.43 -33.23
C ARG B 459 4.06 3.87 -33.35
N LEU B 460 3.44 4.11 -34.49
CA LEU B 460 2.04 3.71 -34.72
C LEU B 460 1.90 2.19 -34.80
N PHE B 461 2.85 1.54 -35.46
CA PHE B 461 2.79 0.09 -35.65
C PHE B 461 3.37 -0.65 -34.44
N ALA B 462 3.51 0.05 -33.31
CA ALA B 462 3.99 -0.57 -32.08
C ALA B 462 2.84 -1.31 -31.39
N PRO B 463 3.08 -2.57 -30.96
CA PRO B 463 1.99 -3.29 -30.29
C PRO B 463 1.53 -2.61 -29.00
N PRO B 464 0.28 -2.84 -28.58
CA PRO B 464 -0.21 -2.28 -27.32
C PRO B 464 0.45 -2.95 -26.12
N PRO B 465 0.84 -2.17 -25.10
CA PRO B 465 1.52 -2.78 -23.95
C PRO B 465 0.61 -3.71 -23.15
N GLU B 466 0.89 -5.01 -23.21
CA GLU B 466 0.10 -6.00 -22.49
C GLU B 466 0.23 -5.76 -20.98
N PRO B 467 -0.90 -5.82 -20.25
CA PRO B 467 -0.85 -5.50 -18.82
C PRO B 467 0.02 -6.47 -18.03
N PRO B 468 0.62 -6.01 -16.92
CA PRO B 468 1.42 -6.92 -16.08
C PRO B 468 0.56 -8.04 -15.50
N SER B 469 1.18 -9.16 -15.16
CA SER B 469 0.42 -10.35 -14.76
C SER B 469 0.98 -11.02 -13.51
N LEU B 470 0.06 -11.54 -12.71
CA LEU B 470 0.38 -12.45 -11.61
C LEU B 470 -0.34 -13.77 -11.84
N LEU B 471 0.24 -14.86 -11.35
CA LEU B 471 -0.37 -16.18 -11.47
C LEU B 471 -1.11 -16.53 -10.19
N THR B 472 -2.43 -16.64 -10.26
CA THR B 472 -3.23 -17.06 -9.13
C THR B 472 -2.96 -18.53 -8.87
N PHE B 473 -2.31 -18.83 -7.74
CA PHE B 473 -1.98 -20.21 -7.40
C PHE B 473 -3.09 -20.86 -6.60
N GLN B 474 -3.65 -20.10 -5.67
CA GLN B 474 -4.66 -20.64 -4.76
C GLN B 474 -5.55 -19.54 -4.19
N THR B 475 -6.81 -19.88 -3.94
CA THR B 475 -7.77 -18.97 -3.35
C THR B 475 -8.61 -19.74 -2.34
N PHE B 476 -8.73 -19.23 -1.13
CA PHE B 476 -9.53 -19.92 -0.11
C PHE B 476 -10.16 -18.95 0.89
N ASP B 477 -11.33 -19.32 1.40
CA ASP B 477 -11.98 -18.57 2.46
C ASP B 477 -11.27 -18.77 3.79
N THR B 478 -11.39 -17.79 4.67
CA THR B 478 -10.95 -17.93 6.06
C THR B 478 -12.14 -17.71 7.01
N LEU B 479 -13.26 -17.27 6.45
CA LEU B 479 -14.48 -17.04 7.22
C LEU B 479 -15.65 -17.82 6.65
N LYS B 480 -16.58 -18.21 7.52
CA LYS B 480 -17.84 -18.79 7.07
C LYS B 480 -18.73 -17.63 6.62
N PRO B 481 -19.71 -17.91 5.74
CA PRO B 481 -20.62 -16.87 5.25
C PRO B 481 -21.27 -16.06 6.37
N ALA B 482 -21.61 -16.74 7.46
CA ALA B 482 -22.28 -16.10 8.59
C ALA B 482 -21.33 -15.18 9.36
N GLU B 483 -20.03 -15.35 9.15
CA GLU B 483 -19.03 -14.57 9.87
C GLU B 483 -18.64 -13.31 9.12
N VAL B 484 -18.99 -13.24 7.84
CA VAL B 484 -18.63 -12.10 7.00
C VAL B 484 -19.44 -10.87 7.37
N THR B 485 -18.74 -9.79 7.72
CA THR B 485 -19.37 -8.49 7.96
C THR B 485 -19.17 -7.63 6.72
N PRO B 486 -20.20 -6.83 6.35
CA PRO B 486 -20.17 -6.11 5.07
C PRO B 486 -19.05 -5.06 4.98
N ASP B 487 -18.65 -4.52 6.13
CA ASP B 487 -17.63 -3.49 6.18
C ASP B 487 -16.45 -3.94 7.04
N GLY B 488 -16.20 -5.25 7.05
CA GLY B 488 -15.12 -5.79 7.87
C GLY B 488 -13.75 -5.49 7.30
N TRP B 489 -12.78 -5.30 8.19
N TRP B 489 -12.79 -5.27 8.19
CA TRP B 489 -11.41 -5.01 7.81
CA TRP B 489 -11.41 -4.99 7.78
C TRP B 489 -10.47 -6.07 8.34
C TRP B 489 -10.47 -6.07 8.33
N PRO B 490 -10.39 -7.22 7.65
CA PRO B 490 -9.44 -8.26 8.07
C PRO B 490 -8.00 -7.83 7.77
N MET B 491 -7.05 -8.32 8.55
CA MET B 491 -5.66 -7.86 8.46
C MET B 491 -4.66 -9.01 8.37
N PHE B 492 -3.60 -8.81 7.59
CA PHE B 492 -2.47 -9.73 7.58
C PHE B 492 -1.51 -9.40 8.73
N SER B 493 -0.83 -10.43 9.23
CA SER B 493 0.26 -10.26 10.18
C SER B 493 1.37 -11.25 9.86
N GLU B 494 2.61 -10.81 9.93
CA GLU B 494 3.74 -11.69 9.64
C GLU B 494 4.03 -12.61 10.82
N ASP B 495 4.55 -13.80 10.53
CA ASP B 495 4.99 -14.73 11.55
C ASP B 495 6.46 -14.50 11.87
N ALA B 496 6.79 -14.47 13.16
CA ALA B 496 8.13 -14.16 13.61
C ALA B 496 9.17 -15.21 13.22
N THR B 497 8.73 -16.45 13.01
CA THR B 497 9.67 -17.56 12.79
C THR B 497 9.91 -17.85 11.30
N SER B 498 8.97 -17.47 10.45
CA SER B 498 9.09 -17.72 9.01
C SER B 498 8.30 -16.72 8.18
N PRO B 499 8.90 -16.21 7.09
CA PRO B 499 8.13 -15.29 6.25
C PRO B 499 6.99 -15.99 5.51
N TYR B 500 7.10 -17.31 5.36
CA TYR B 500 6.16 -18.08 4.56
C TYR B 500 4.98 -18.55 5.39
N SER B 501 4.94 -18.13 6.65
CA SER B 501 3.75 -18.26 7.47
C SER B 501 3.24 -16.87 7.85
N PHE B 502 1.95 -16.74 8.06
CA PHE B 502 1.36 -15.45 8.42
C PHE B 502 -0.04 -15.65 8.98
N TYR B 503 -0.61 -14.58 9.52
CA TYR B 503 -1.91 -14.64 10.18
C TYR B 503 -2.95 -13.73 9.53
N VAL B 504 -4.21 -14.11 9.70
CA VAL B 504 -5.34 -13.27 9.30
C VAL B 504 -6.19 -13.00 10.53
N THR B 505 -6.33 -11.73 10.88
CA THR B 505 -7.13 -11.31 12.02
C THR B 505 -8.40 -10.62 11.55
N HIS B 506 -9.51 -10.96 12.20
CA HIS B 506 -10.83 -10.46 11.84
C HIS B 506 -11.68 -10.52 13.11
N PRO B 507 -12.70 -9.64 13.24
CA PRO B 507 -13.53 -9.72 14.44
C PRO B 507 -14.12 -11.11 14.69
N ALA B 508 -14.25 -11.92 13.65
CA ALA B 508 -14.80 -13.26 13.78
C ALA B 508 -13.78 -14.22 14.40
N GLY B 509 -12.50 -13.97 14.15
CA GLY B 509 -11.45 -14.81 14.71
C GLY B 509 -10.11 -14.63 14.03
N ILE B 510 -9.15 -15.47 14.44
CA ILE B 510 -7.78 -15.41 13.91
C ILE B 510 -7.44 -16.73 13.22
N THR B 511 -6.71 -16.64 12.11
CA THR B 511 -6.33 -17.81 11.33
C THR B 511 -4.82 -17.83 11.05
N TYR B 512 -4.22 -19.01 11.24
CA TYR B 512 -2.83 -19.25 10.89
C TYR B 512 -2.74 -19.83 9.49
N ILE B 513 -1.80 -19.35 8.68
CA ILE B 513 -1.62 -19.81 7.31
C ILE B 513 -0.13 -20.06 7.08
N SER B 514 0.18 -21.11 6.33
CA SER B 514 1.56 -21.39 5.95
C SER B 514 1.69 -21.94 4.52
N LEU B 515 2.70 -21.45 3.82
CA LEU B 515 2.95 -21.87 2.43
C LEU B 515 4.07 -22.90 2.34
N THR B 516 4.62 -23.28 3.49
CA THR B 516 5.61 -24.35 3.54
C THR B 516 4.89 -25.66 3.84
N PRO B 517 5.46 -26.80 3.39
CA PRO B 517 6.71 -26.92 2.63
C PRO B 517 6.50 -26.72 1.13
N TRP B 518 5.30 -26.35 0.71
CA TRP B 518 4.98 -26.27 -0.72
C TRP B 518 5.90 -25.33 -1.49
N VAL B 519 6.28 -24.21 -0.89
CA VAL B 519 7.15 -23.24 -1.56
C VAL B 519 8.55 -23.82 -1.74
N PHE B 520 8.96 -24.66 -0.79
CA PHE B 520 10.25 -25.32 -0.86
C PHE B 520 10.29 -26.38 -1.96
N ARG B 521 9.16 -27.07 -2.17
CA ARG B 521 9.08 -28.08 -3.21
C ARG B 521 9.15 -27.45 -4.59
N LEU B 522 8.55 -26.27 -4.73
CA LEU B 522 8.58 -25.56 -6.01
C LEU B 522 10.00 -25.09 -6.29
N GLU B 523 10.65 -24.53 -5.28
CA GLU B 523 12.02 -24.02 -5.44
C GLU B 523 12.99 -25.14 -5.81
N SER B 524 12.81 -26.31 -5.20
CA SER B 524 13.68 -27.44 -5.50
C SER B 524 13.54 -27.85 -6.96
N GLU B 525 12.32 -27.80 -7.47
CA GLU B 525 12.06 -28.10 -8.87
C GLU B 525 12.69 -27.05 -9.78
N LEU B 526 12.67 -25.79 -9.35
CA LEU B 526 13.28 -24.71 -10.11
C LEU B 526 14.79 -24.89 -10.15
N GLN B 527 15.35 -25.46 -9.09
CA GLN B 527 16.79 -25.70 -9.01
C GLN B 527 17.13 -27.14 -9.42
N SER B 528 16.15 -27.86 -9.95
CA SER B 528 16.32 -29.28 -10.28
C SER B 528 17.51 -29.54 -11.19
N ASP B 529 18.27 -30.56 -10.84
CA ASP B 529 19.44 -30.99 -11.61
C ASP B 529 19.07 -32.07 -12.64
N SER B 530 17.79 -32.43 -12.67
CA SER B 530 17.32 -33.56 -13.49
C SER B 530 17.06 -33.15 -14.94
N GLU B 531 17.54 -33.99 -15.87
CA GLU B 531 17.34 -33.73 -17.29
C GLU B 531 15.87 -33.70 -17.69
N ALA B 532 15.08 -34.59 -17.10
CA ALA B 532 13.69 -34.79 -17.54
C ALA B 532 12.74 -34.85 -16.36
N GLY B 533 11.46 -35.04 -16.66
CA GLY B 533 10.44 -35.23 -15.65
C GLY B 533 9.83 -33.97 -15.07
N THR B 534 10.20 -32.81 -15.63
CA THR B 534 9.70 -31.53 -15.11
C THR B 534 8.18 -31.46 -15.11
N GLU B 535 7.57 -31.70 -16.27
CA GLU B 535 6.12 -31.59 -16.39
C GLU B 535 5.41 -32.60 -15.50
N PHE B 536 6.02 -33.76 -15.33
CA PHE B 536 5.46 -34.80 -14.46
C PHE B 536 5.48 -34.35 -13.00
N ARG B 537 6.63 -33.88 -12.55
CA ARG B 537 6.80 -33.48 -11.15
C ARG B 537 6.01 -32.20 -10.81
N ILE B 538 5.89 -31.29 -11.77
CA ILE B 538 5.12 -30.07 -11.56
C ILE B 538 3.64 -30.39 -11.42
N ASP B 539 3.17 -31.39 -12.15
CA ASP B 539 1.77 -31.77 -12.12
C ASP B 539 1.37 -32.25 -10.73
N LEU B 540 2.27 -32.99 -10.09
CA LEU B 540 2.04 -33.49 -8.74
C LEU B 540 2.00 -32.33 -7.74
N LEU B 541 2.89 -31.35 -7.94
CA LEU B 541 2.96 -30.19 -7.06
C LEU B 541 1.70 -29.33 -7.17
N ALA B 542 1.21 -29.16 -8.39
CA ALA B 542 -0.03 -28.41 -8.61
C ALA B 542 -1.23 -29.16 -8.04
N LYS B 543 -1.12 -30.48 -8.00
CA LYS B 543 -2.16 -31.33 -7.42
C LYS B 543 -2.05 -31.37 -5.90
N GLY B 544 -0.87 -31.02 -5.39
CA GLY B 544 -0.66 -30.90 -3.96
C GLY B 544 -1.56 -29.83 -3.36
N GLN B 545 -1.98 -30.03 -2.13
CA GLN B 545 -2.92 -29.11 -1.48
C GLN B 545 -2.26 -27.77 -1.18
N GLY B 546 -0.94 -27.72 -1.28
CA GLY B 546 -0.21 -26.47 -1.10
C GLY B 546 -0.25 -25.95 0.32
N SER B 547 -0.76 -24.73 0.48
CA SER B 547 -0.76 -24.06 1.77
C SER B 547 -1.69 -24.74 2.77
N GLU B 548 -1.33 -24.64 4.05
CA GLU B 548 -2.20 -25.13 5.12
C GLU B 548 -2.78 -23.96 5.90
N ARG B 549 -3.98 -24.16 6.45
CA ARG B 549 -4.67 -23.13 7.19
C ARG B 549 -5.43 -23.74 8.37
N ASP B 550 -5.35 -23.08 9.53
CA ASP B 550 -6.03 -23.58 10.71
C ASP B 550 -6.47 -22.42 11.60
N ARG B 551 -7.73 -22.44 12.01
CA ARG B 551 -8.23 -21.41 12.91
C ARG B 551 -7.77 -21.68 14.33
N ILE B 552 -7.20 -20.65 14.95
CA ILE B 552 -6.65 -20.75 16.29
C ILE B 552 -7.60 -20.17 17.33
N PHE B 553 -8.47 -19.27 16.89
CA PHE B 553 -9.33 -18.52 17.78
C PHE B 553 -10.60 -18.06 17.07
N THR B 554 -11.72 -18.14 17.79
CA THR B 554 -13.01 -17.68 17.29
C THR B 554 -13.73 -16.86 18.34
N GLN B 555 -14.17 -15.67 17.95
CA GLN B 555 -14.93 -14.81 18.84
C GLN B 555 -16.42 -15.09 18.66
N THR B 556 -17.11 -15.30 19.77
CA THR B 556 -18.51 -15.72 19.75
C THR B 556 -19.46 -14.62 20.23
N ARG B 557 -20.43 -14.28 19.37
CA ARG B 557 -21.49 -13.33 19.71
C ARG B 557 -20.95 -12.00 20.21
N THR B 558 -19.73 -11.66 19.80
CA THR B 558 -19.10 -10.40 20.18
C THR B 558 -18.52 -9.73 18.95
N GLN B 559 -19.09 -8.59 18.59
CA GLN B 559 -18.67 -7.87 17.38
C GLN B 559 -17.40 -7.06 17.60
N SER B 560 -16.81 -7.20 18.79
CA SER B 560 -15.59 -6.47 19.14
C SER B 560 -14.47 -6.78 18.15
N PRO B 561 -13.85 -5.74 17.57
CA PRO B 561 -12.73 -6.02 16.66
C PRO B 561 -11.50 -6.48 17.42
N LEU B 562 -10.68 -7.31 16.77
CA LEU B 562 -9.46 -7.82 17.39
C LEU B 562 -8.25 -7.06 16.90
N ALA B 563 -7.33 -6.78 17.81
CA ALA B 563 -6.05 -6.21 17.43
C ALA B 563 -5.32 -7.19 16.52
N ALA B 564 -4.70 -6.67 15.46
CA ALA B 564 -3.96 -7.49 14.52
C ALA B 564 -2.98 -8.39 15.26
N ALA B 565 -2.99 -9.68 14.91
CA ALA B 565 -2.17 -10.67 15.58
C ALA B 565 -0.69 -10.28 15.55
N THR B 566 -0.03 -10.44 16.69
CA THR B 566 1.39 -10.14 16.80
C THR B 566 2.14 -11.40 17.19
N SER B 567 2.98 -11.90 16.28
CA SER B 567 3.73 -13.12 16.51
C SER B 567 4.99 -12.85 17.32
N ILE B 568 5.22 -13.68 18.34
CA ILE B 568 6.38 -13.54 19.21
C ILE B 568 7.04 -14.90 19.42
N ASP B 569 8.36 -14.94 19.25
CA ASP B 569 9.14 -16.17 19.45
C ASP B 569 10.34 -15.88 20.34
N ASP B 570 10.10 -15.94 21.65
CA ASP B 570 11.14 -15.68 22.63
C ASP B 570 11.64 -16.99 23.24
N PRO B 571 12.95 -17.09 23.52
CA PRO B 571 13.47 -18.33 24.10
C PRO B 571 12.94 -18.64 25.50
N ASP B 572 12.60 -17.61 26.26
CA ASP B 572 12.12 -17.78 27.64
C ASP B 572 10.60 -17.88 27.70
N LEU B 573 9.91 -16.97 27.02
CA LEU B 573 8.45 -16.94 27.04
C LEU B 573 7.86 -17.95 26.06
N GLY B 574 8.61 -18.25 25.01
CA GLY B 574 8.19 -19.23 24.02
C GLY B 574 7.67 -18.63 22.73
N TYR B 575 6.86 -19.42 22.04
CA TYR B 575 6.36 -19.08 20.71
C TYR B 575 4.83 -19.00 20.74
N PHE B 576 4.30 -17.81 20.49
CA PHE B 576 2.86 -17.59 20.63
C PHE B 576 2.36 -16.39 19.83
N ILE B 577 1.04 -16.27 19.75
CA ILE B 577 0.39 -15.14 19.12
C ILE B 577 -0.22 -14.24 20.18
N LEU B 578 -0.18 -12.94 19.93
CA LEU B 578 -0.78 -11.97 20.84
C LEU B 578 -1.83 -11.15 20.08
N SER B 579 -3.03 -11.11 20.63
CA SER B 579 -4.08 -10.23 20.12
C SER B 579 -4.84 -9.65 21.31
N ALA B 580 -5.97 -9.01 21.07
CA ALA B 580 -6.74 -8.43 22.15
C ALA B 580 -8.13 -7.99 21.70
N THR B 581 -9.09 -8.10 22.61
CA THR B 581 -10.41 -7.52 22.41
C THR B 581 -10.35 -6.08 22.92
N GLN B 582 -11.51 -5.44 23.01
CA GLN B 582 -11.56 -4.08 23.53
C GLN B 582 -11.15 -4.02 25.00
N THR B 583 -11.23 -5.16 25.67
CA THR B 583 -11.02 -5.23 27.12
C THR B 583 -10.00 -6.28 27.56
N ASP B 584 -10.01 -7.42 26.88
CA ASP B 584 -9.22 -8.58 27.33
C ASP B 584 -8.15 -8.98 26.32
N PRO B 585 -7.10 -9.67 26.80
CA PRO B 585 -6.02 -10.13 25.91
C PRO B 585 -6.29 -11.49 25.29
N ILE B 586 -5.51 -11.82 24.27
CA ILE B 586 -5.55 -13.14 23.65
C ILE B 586 -4.12 -13.58 23.40
N ALA B 587 -3.66 -14.55 24.19
CA ALA B 587 -2.31 -15.07 24.08
C ALA B 587 -2.32 -16.59 23.96
N LEU B 588 -2.21 -17.07 22.72
CA LEU B 588 -2.28 -18.50 22.44
C LEU B 588 -0.90 -19.04 22.05
N PHE B 589 -0.45 -20.05 22.81
CA PHE B 589 0.90 -20.57 22.68
C PHE B 589 0.98 -21.82 21.82
N PHE B 590 2.10 -21.98 21.12
CA PHE B 590 2.32 -23.13 20.22
C PHE B 590 3.57 -23.91 20.62
N GLU B 591 4.44 -23.30 21.41
CA GLU B 591 5.69 -23.95 21.80
C GLU B 591 6.32 -23.24 22.99
N THR B 592 6.39 -23.96 24.11
CA THR B 592 7.00 -23.45 25.33
C THR B 592 8.39 -24.07 25.50
N PRO B 593 9.25 -23.45 26.33
CA PRO B 593 10.58 -24.01 26.57
C PRO B 593 10.53 -25.42 27.18
N LEU C 1 25.46 -20.58 -22.23
CA LEU C 1 26.16 -20.39 -20.96
C LEU C 1 25.19 -20.50 -19.78
N ARG C 2 24.01 -19.89 -19.92
CA ARG C 2 23.00 -19.91 -18.88
C ARG C 2 21.66 -20.39 -19.43
N ALA C 3 21.52 -21.71 -19.56
CA ALA C 3 20.30 -22.33 -20.04
C ALA C 3 19.31 -22.56 -18.89
N ARG C 4 19.71 -22.20 -17.68
CA ARG C 4 18.87 -22.38 -16.51
C ARG C 4 17.65 -21.46 -16.56
N GLU C 5 17.79 -20.33 -17.25
CA GLU C 5 16.69 -19.38 -17.37
C GLU C 5 15.57 -19.97 -18.21
N ALA C 6 15.94 -20.63 -19.31
CA ALA C 6 14.98 -21.31 -20.17
C ALA C 6 14.30 -22.45 -19.40
N LYS C 7 15.05 -23.06 -18.48
CA LYS C 7 14.51 -24.13 -17.66
C LYS C 7 13.52 -23.57 -16.63
N ARG C 8 13.88 -22.44 -16.03
CA ARG C 8 12.96 -21.75 -15.11
C ARG C 8 11.69 -21.35 -15.84
N LYS C 9 11.85 -20.70 -16.99
CA LYS C 9 10.72 -20.22 -17.77
C LYS C 9 9.79 -21.36 -18.16
N ALA C 10 10.36 -22.47 -18.59
CA ALA C 10 9.57 -23.64 -18.98
C ALA C 10 8.87 -24.27 -17.78
N THR C 11 9.58 -24.38 -16.67
CA THR C 11 9.04 -24.96 -15.44
C THR C 11 7.81 -24.19 -14.96
N LEU C 12 7.91 -22.86 -14.95
CA LEU C 12 6.83 -22.01 -14.47
C LEU C 12 5.68 -22.00 -15.48
N ARG C 13 6.01 -22.08 -16.77
CA ARG C 13 4.99 -22.24 -17.80
C ARG C 13 4.19 -23.52 -17.55
N MET C 14 4.88 -24.57 -17.10
CA MET C 14 4.25 -25.85 -16.85
C MET C 14 3.37 -25.81 -15.60
N LEU C 15 3.78 -25.01 -14.62
CA LEU C 15 2.98 -24.84 -13.41
C LEU C 15 1.65 -24.20 -13.77
N ARG C 16 1.71 -23.13 -14.58
CA ARG C 16 0.53 -22.43 -15.05
C ARG C 16 -0.41 -23.39 -15.78
N GLU C 17 0.08 -24.03 -16.83
CA GLU C 17 -0.73 -24.96 -17.61
C GLU C 17 -1.27 -26.09 -16.73
N SER C 18 -0.46 -26.51 -15.77
CA SER C 18 -0.87 -27.56 -14.85
C SER C 18 -2.00 -27.07 -13.94
N LEU C 19 -1.85 -25.86 -13.42
CA LEU C 19 -2.90 -25.26 -12.58
C LEU C 19 -4.17 -25.01 -13.39
N ALA C 20 -4.01 -24.73 -14.68
CA ALA C 20 -5.14 -24.51 -15.56
C ALA C 20 -5.95 -25.80 -15.78
N ARG C 21 -5.25 -26.93 -15.88
CA ARG C 21 -5.91 -28.21 -16.09
C ARG C 21 -6.81 -28.58 -14.92
N VAL C 22 -6.30 -28.42 -13.71
CA VAL C 22 -7.06 -28.71 -12.50
C VAL C 22 -8.23 -27.74 -12.37
N GLY C 23 -8.05 -26.54 -12.93
CA GLY C 23 -9.05 -25.49 -12.83
C GLY C 23 -8.73 -24.61 -11.64
N PRO C 24 -9.51 -23.52 -11.47
CA PRO C 24 -9.30 -22.61 -10.33
C PRO C 24 -9.33 -23.33 -8.99
N ASN C 25 -8.18 -23.38 -8.33
CA ASN C 25 -8.07 -24.00 -7.01
C ASN C 25 -8.78 -23.13 -5.97
N VAL C 26 -10.10 -23.24 -5.91
CA VAL C 26 -10.91 -22.43 -5.00
C VAL C 26 -11.53 -23.28 -3.90
N VAL C 27 -11.19 -22.96 -2.66
CA VAL C 27 -11.69 -23.68 -1.49
C VAL C 27 -12.53 -22.75 -0.62
N ARG C 28 -13.85 -22.86 -0.73
CA ARG C 28 -14.74 -22.00 0.04
C ARG C 28 -15.31 -22.72 1.26
N LEU C 29 -15.71 -21.95 2.26
CA LEU C 29 -16.22 -22.49 3.51
C LEU C 29 -17.74 -22.40 3.59
N ARG C 30 -18.36 -23.49 4.06
CA ARG C 30 -19.80 -23.50 4.33
C ARG C 30 -20.07 -23.18 5.79
N ASP C 31 -21.33 -22.88 6.11
CA ASP C 31 -21.73 -22.60 7.48
C ASP C 31 -21.59 -23.85 8.34
N ASP C 32 -22.10 -24.97 7.85
CA ASP C 32 -22.02 -26.25 8.54
C ASP C 32 -21.95 -27.40 7.55
#